data_4Q5J
#
_entry.id   4Q5J
#
_cell.length_a   63.715
_cell.length_b   80.288
_cell.length_c   80.557
_cell.angle_alpha   90.00
_cell.angle_beta   109.55
_cell.angle_gamma   90.00
#
_symmetry.space_group_name_H-M   'P 1 21 1'
#
loop_
_entity.id
_entity.type
_entity.pdbx_description
1 polymer 'Protein BRASSINOSTEROID INSENSITIVE 1'
2 polymer 'BRI1 kinase inhibitor 1'
3 non-polymer 'PHOSPHOAMINOPHOSPHONIC ACID-ADENYLATE ESTER'
4 water water
#
loop_
_entity_poly.entity_id
_entity_poly.type
_entity_poly.pdbx_seq_one_letter_code
_entity_poly.pdbx_strand_id
1 'polypeptide(L)'
;(MSE)GSSHHHHHHSQDLEVLFQGPH(MSE)AFEKPLRKLTFADLLQATNGFHNDSLIGSGGFGDVYKAILKDGSAVAIK
KLIHVSGQGDREF(MSE)AE(MSE)ETIGKIKHRNLVPLLGYCKVGDERLLVYEF(MSE)KYGSLEDVLHDPKKAGVKLN
WSTRRKIAIGSARGLAFLHHNCSPHIIHRD(MSE)KSSNVLLDENLEARVSDFG(MSE)ARL(MSE)SA(MSE)D(TPO)
HL(SEP)V(SEP)TLAGTPGYVPPEYYQ(SEP)FRCSTKGDVYSYGVVLLELLTGKRPTDSPDFGDNNLVGWVKQHAKLR
ISDVFDPEL(MSE)KEDPALEIELLQHLKVAVACLDDRAWRRPT(MSE)VQV(MSE)A(MSE)FKEIQAGSGIDSQSTIR
SIEDGGFST
;
A,B
2 'polypeptide(L)' STMEELQAAIQAAIAHCKNSY F,E
#
loop_
_chem_comp.id
_chem_comp.type
_chem_comp.name
_chem_comp.formula
ANP non-polymer 'PHOSPHOAMINOPHOSPHONIC ACID-ADENYLATE ESTER' 'C10 H17 N6 O12 P3'
#
# COMPACT_ATOMS: atom_id res chain seq x y z
N ASP A 13 -9.68 4.78 -26.22
CA ASP A 13 -8.73 3.76 -25.78
C ASP A 13 -9.28 2.94 -24.62
N LEU A 14 -8.68 1.78 -24.48
CA LEU A 14 -9.17 0.76 -23.63
C LEU A 14 -8.61 0.97 -22.25
N GLU A 15 -9.51 1.03 -21.27
CA GLU A 15 -9.15 1.16 -19.87
C GLU A 15 -9.19 -0.18 -19.19
N VAL A 16 -8.28 -0.49 -18.28
CA VAL A 16 -8.54 -1.58 -17.33
C VAL A 16 -8.96 -1.03 -15.99
N LEU A 17 -10.18 -1.30 -15.50
CA LEU A 17 -10.75 -0.49 -14.40
C LEU A 17 -10.04 -0.69 -13.06
N PHE A 18 -9.70 -1.94 -12.74
CA PHE A 18 -9.17 -2.29 -11.43
C PHE A 18 -7.87 -2.98 -11.61
N GLN A 19 -6.82 -2.30 -11.22
CA GLN A 19 -5.51 -2.89 -11.23
C GLN A 19 -4.80 -2.34 -10.02
N GLY A 20 -5.53 -2.30 -8.91
CA GLY A 20 -4.90 -1.92 -7.66
C GLY A 20 -4.20 -3.11 -7.01
N PRO A 21 -3.78 -2.93 -5.75
CA PRO A 21 -2.83 -3.78 -5.03
C PRO A 21 -3.22 -5.25 -5.03
N HIS A 22 -2.32 -6.11 -5.45
CA HIS A 22 -2.55 -7.52 -5.16
C HIS A 22 -2.55 -7.81 -3.62
N MSE A 23 -3.68 -8.31 -3.10
CA MSE A 23 -3.87 -8.49 -1.62
C MSE A 23 -2.89 -9.47 -0.93
O MSE A 23 -2.54 -9.30 0.25
CB MSE A 23 -5.32 -8.95 -1.32
CG MSE A 23 -6.44 -7.98 -1.76
SE MSE A 23 -6.04 -6.15 -1.23
CE MSE A 23 -5.86 -6.56 0.70
N ALA A 24 -2.50 -10.51 -1.65
CA ALA A 24 -1.67 -11.56 -1.11
C ALA A 24 -0.32 -11.05 -0.58
N PHE A 25 0.21 -9.99 -1.20
CA PHE A 25 1.47 -9.38 -0.80
C PHE A 25 1.26 -8.14 0.11
N GLU A 26 0.03 -7.91 0.55
CA GLU A 26 -0.22 -6.67 1.24
C GLU A 26 0.00 -6.88 2.73
N LYS A 27 0.48 -5.84 3.40
CA LYS A 27 0.60 -5.83 4.85
C LYS A 27 -0.73 -6.25 5.57
N PRO A 28 -0.68 -7.31 6.41
CA PRO A 28 -1.85 -7.78 7.15
C PRO A 28 -2.31 -6.76 8.17
N LEU A 29 -3.55 -6.83 8.64
CA LEU A 29 -3.97 -5.99 9.76
C LEU A 29 -3.20 -6.31 11.05
N ARG A 30 -2.54 -5.29 11.59
CA ARG A 30 -1.86 -5.39 12.88
C ARG A 30 -2.85 -5.39 14.06
N LYS A 31 -2.85 -6.46 14.83
CA LYS A 31 -3.68 -6.43 16.04
C LYS A 31 -2.88 -5.59 17.08
N LEU A 32 -3.51 -4.52 17.49
CA LEU A 32 -2.88 -3.52 18.34
C LEU A 32 -3.35 -3.66 19.82
N THR A 33 -2.44 -3.43 20.77
CA THR A 33 -2.81 -3.50 22.19
C THR A 33 -3.56 -2.25 22.61
N PHE A 34 -4.49 -2.38 23.56
CA PHE A 34 -5.25 -1.23 24.02
C PHE A 34 -4.36 -0.15 24.63
N ALA A 35 -3.41 -0.59 25.46
CA ALA A 35 -2.51 0.30 26.21
C ALA A 35 -1.79 1.22 25.24
N ASP A 36 -1.41 0.65 24.09
CA ASP A 36 -0.78 1.34 22.98
C ASP A 36 -1.56 2.55 22.47
N LEU A 37 -2.84 2.35 22.17
CA LEU A 37 -3.71 3.36 21.58
C LEU A 37 -4.11 4.39 22.65
N LEU A 38 -4.28 3.88 23.85
CA LEU A 38 -4.50 4.72 25.02
C LEU A 38 -3.35 5.72 25.24
N GLN A 39 -2.10 5.27 25.12
CA GLN A 39 -0.97 6.19 25.32
C GLN A 39 -0.84 7.22 24.19
N ALA A 40 -1.02 6.76 22.96
CA ALA A 40 -0.84 7.59 21.77
C ALA A 40 -1.91 8.65 21.56
N THR A 41 -3.12 8.37 22.02
CA THR A 41 -4.19 9.36 22.01
C THR A 41 -4.04 10.30 23.20
N ASN A 42 -2.97 10.10 23.96
CA ASN A 42 -2.74 10.75 25.24
C ASN A 42 -3.93 10.58 26.17
N GLY A 43 -4.38 9.34 26.32
CA GLY A 43 -5.47 9.00 27.22
C GLY A 43 -6.86 9.12 26.63
N PHE A 44 -6.97 8.97 25.32
CA PHE A 44 -8.21 9.26 24.58
C PHE A 44 -8.62 10.67 24.96
N HIS A 45 -7.66 11.57 24.91
CA HIS A 45 -7.90 12.93 25.32
C HIS A 45 -8.67 13.76 24.29
N ASN A 46 -9.57 14.59 24.80
CA ASN A 46 -10.45 15.45 24.00
C ASN A 46 -9.73 16.34 22.99
N ASP A 47 -8.48 16.73 23.29
CA ASP A 47 -7.76 17.57 22.34
C ASP A 47 -7.26 16.74 21.16
N SER A 48 -7.14 15.42 21.39
CA SER A 48 -6.74 14.48 20.36
C SER A 48 -7.94 13.99 19.56
N LEU A 49 -9.10 14.60 19.77
CA LEU A 49 -10.33 14.20 19.10
C LEU A 49 -10.52 14.88 17.74
N ILE A 50 -10.82 14.11 16.69
CA ILE A 50 -11.15 14.62 15.35
C ILE A 50 -12.61 14.38 15.00
N GLY A 51 -13.18 13.33 15.58
CA GLY A 51 -14.46 12.86 15.12
C GLY A 51 -15.37 12.61 16.27
N SER A 52 -16.35 13.47 16.45
CA SER A 52 -17.47 13.23 17.36
C SER A 52 -18.55 12.46 16.61
N GLY A 53 -18.94 11.28 17.09
CA GLY A 53 -19.53 10.36 16.14
C GLY A 53 -20.82 9.61 16.37
N GLY A 54 -21.39 9.18 15.24
CA GLY A 54 -22.51 8.25 15.18
C GLY A 54 -22.18 6.96 15.89
N PHE A 55 -21.03 6.39 15.57
CA PHE A 55 -20.72 5.05 16.04
C PHE A 55 -19.54 5.06 16.94
N GLY A 56 -18.77 6.14 16.85
CA GLY A 56 -17.65 6.28 17.77
C GLY A 56 -16.96 7.62 17.70
N ASP A 57 -16.01 7.86 18.58
CA ASP A 57 -15.25 9.07 18.41
C ASP A 57 -13.87 8.78 17.79
N VAL A 58 -13.36 9.74 17.01
CA VAL A 58 -12.12 9.51 16.27
C VAL A 58 -10.99 10.41 16.70
N TYR A 59 -9.92 9.76 17.15
CA TYR A 59 -8.77 10.43 17.69
C TYR A 59 -7.60 10.42 16.74
N LYS A 60 -7.05 11.61 16.47
CA LYS A 60 -5.82 11.73 15.72
C LYS A 60 -4.74 11.27 16.62
N ALA A 61 -3.64 10.80 16.04
CA ALA A 61 -2.53 10.30 16.81
C ALA A 61 -1.35 9.93 15.93
N ILE A 62 -0.23 9.60 16.61
CA ILE A 62 0.96 9.06 15.99
C ILE A 62 1.44 7.84 16.77
N LEU A 63 1.61 6.72 16.09
CA LEU A 63 1.92 5.49 16.80
C LEU A 63 3.41 5.49 17.19
N LYS A 64 3.90 4.41 17.78
CA LYS A 64 5.32 4.34 18.12
C LYS A 64 6.19 4.14 16.87
N ASP A 65 5.55 3.98 15.71
CA ASP A 65 6.27 3.89 14.43
C ASP A 65 6.57 5.26 13.84
N GLY A 66 5.91 6.29 14.39
CA GLY A 66 5.93 7.60 13.77
C GLY A 66 4.82 7.76 12.74
N SER A 67 4.13 6.66 12.43
CA SER A 67 3.08 6.70 11.42
C SER A 67 1.87 7.40 11.97
N ALA A 68 1.33 8.29 11.16
CA ALA A 68 0.13 9.01 11.52
C ALA A 68 -1.08 8.12 11.31
N VAL A 69 -1.94 8.00 12.32
CA VAL A 69 -3.16 7.22 12.20
C VAL A 69 -4.41 7.97 12.67
N ALA A 70 -5.60 7.45 12.38
CA ALA A 70 -6.83 7.97 12.99
C ALA A 70 -7.49 6.79 13.68
N ILE A 71 -7.69 6.90 14.99
CA ILE A 71 -8.24 5.80 15.77
C ILE A 71 -9.74 5.92 16.03
N LYS A 72 -10.49 4.86 15.74
CA LYS A 72 -11.93 4.96 16.01
C LYS A 72 -12.26 4.14 17.22
N LYS A 73 -12.69 4.82 18.28
CA LYS A 73 -13.15 4.21 19.51
C LYS A 73 -14.62 3.88 19.36
N LEU A 74 -14.97 2.60 19.28
CA LEU A 74 -16.37 2.33 19.02
C LEU A 74 -17.09 2.20 20.35
N ILE A 75 -18.34 2.66 20.36
CA ILE A 75 -19.11 2.72 21.60
C ILE A 75 -19.81 1.39 21.91
N HIS A 76 -19.54 0.86 23.12
CA HIS A 76 -20.10 -0.43 23.53
C HIS A 76 -21.51 -0.32 24.15
N VAL A 77 -22.51 -0.73 23.36
CA VAL A 77 -23.89 -0.87 23.83
C VAL A 77 -23.98 -2.12 24.72
N SER A 78 -25.02 -2.23 25.52
CA SER A 78 -25.18 -3.42 26.35
C SER A 78 -26.23 -4.38 25.77
N ASP A 82 -20.98 -6.47 18.59
CA ASP A 82 -19.98 -5.63 17.93
C ASP A 82 -20.17 -5.60 16.41
N ARG A 83 -21.31 -5.08 15.97
CA ARG A 83 -21.72 -5.21 14.57
C ARG A 83 -21.04 -4.23 13.61
N GLU A 84 -20.93 -2.97 14.03
CA GLU A 84 -20.19 -1.98 13.25
C GLU A 84 -18.68 -2.22 13.23
N PHE A 85 -18.15 -2.87 14.27
CA PHE A 85 -16.75 -3.29 14.25
C PHE A 85 -16.60 -4.32 13.14
N MSE A 86 -17.49 -5.30 13.15
CA MSE A 86 -17.35 -6.49 12.32
C MSE A 86 -17.71 -6.18 10.90
O MSE A 86 -17.15 -6.75 9.99
CB MSE A 86 -18.18 -7.66 12.87
CG MSE A 86 -17.57 -8.29 14.13
SE MSE A 86 -15.78 -9.08 13.86
CE MSE A 86 -16.36 -10.86 13.31
N ALA A 87 -18.60 -5.22 10.70
CA ALA A 87 -18.92 -4.73 9.38
C ALA A 87 -17.66 -4.22 8.70
N GLU A 88 -16.75 -3.66 9.51
CA GLU A 88 -15.60 -2.92 8.99
C GLU A 88 -14.43 -3.85 8.77
N MSE A 89 -14.38 -4.90 9.57
CA MSE A 89 -13.30 -5.89 9.53
C MSE A 89 -13.55 -6.81 8.35
O MSE A 89 -12.64 -7.17 7.61
CB MSE A 89 -13.26 -6.68 10.83
CG MSE A 89 -12.82 -5.83 12.00
SE MSE A 89 -10.93 -5.48 12.04
CE MSE A 89 -10.52 -7.31 12.23
N GLU A 90 -14.82 -7.15 8.18
CA GLU A 90 -15.21 -8.00 7.08
C GLU A 90 -15.22 -7.33 5.72
N THR A 91 -15.17 -6.00 5.65
CA THR A 91 -15.15 -5.37 4.31
C THR A 91 -13.89 -4.51 4.08
N ILE A 92 -13.81 -3.32 4.69
CA ILE A 92 -12.64 -2.47 4.39
C ILE A 92 -11.34 -3.13 4.91
N GLY A 93 -11.44 -4.02 5.92
CA GLY A 93 -10.28 -4.69 6.47
C GLY A 93 -9.66 -5.79 5.61
N LYS A 94 -10.44 -6.20 4.60
CA LYS A 94 -10.10 -7.23 3.62
C LYS A 94 -9.57 -6.68 2.27
N ILE A 95 -9.60 -5.38 2.08
CA ILE A 95 -9.35 -4.85 0.75
C ILE A 95 -8.46 -3.61 0.77
N LYS A 96 -7.66 -3.44 -0.26
CA LYS A 96 -6.88 -2.23 -0.52
C LYS A 96 -7.21 -1.65 -1.89
N HIS A 97 -7.32 -0.33 -1.97
CA HIS A 97 -7.42 0.33 -3.25
C HIS A 97 -7.09 1.79 -3.01
N ARG A 98 -6.62 2.48 -4.06
CA ARG A 98 -6.07 3.80 -3.84
C ARG A 98 -7.13 4.77 -3.42
N ASN A 99 -8.39 4.38 -3.63
CA ASN A 99 -9.51 5.29 -3.39
C ASN A 99 -10.38 4.78 -2.24
N LEU A 100 -9.86 3.79 -1.53
CA LEU A 100 -10.40 3.36 -0.25
C LEU A 100 -9.39 3.63 0.89
N VAL A 101 -9.78 4.36 1.93
CA VAL A 101 -8.95 4.51 3.14
C VAL A 101 -8.34 3.21 3.60
N PRO A 102 -7.06 3.25 3.96
CA PRO A 102 -6.32 2.11 4.50
C PRO A 102 -6.64 1.93 5.99
N LEU A 103 -7.40 0.89 6.31
CA LEU A 103 -7.51 0.37 7.67
C LEU A 103 -6.22 -0.40 7.98
N LEU A 104 -5.44 0.07 8.93
CA LEU A 104 -4.12 -0.51 9.13
C LEU A 104 -4.07 -1.59 10.20
N GLY A 105 -4.89 -1.42 11.24
CA GLY A 105 -5.05 -2.40 12.28
C GLY A 105 -6.26 -2.18 13.15
N TYR A 106 -6.39 -3.03 14.15
CA TYR A 106 -7.54 -3.06 15.00
C TYR A 106 -7.14 -3.38 16.44
N CYS A 107 -8.10 -3.23 17.36
CA CYS A 107 -7.96 -3.64 18.74
C CYS A 107 -9.28 -4.20 19.28
N LYS A 108 -9.17 -5.39 19.87
CA LYS A 108 -10.33 -6.06 20.45
C LYS A 108 -10.00 -6.65 21.84
N VAL A 109 -10.34 -5.91 22.89
CA VAL A 109 -10.16 -6.39 24.26
C VAL A 109 -11.45 -6.24 25.07
N GLY A 110 -11.86 -7.34 25.69
CA GLY A 110 -13.08 -7.36 26.46
C GLY A 110 -14.21 -6.81 25.63
N ASP A 111 -14.65 -5.61 25.97
CA ASP A 111 -15.79 -5.01 25.29
C ASP A 111 -15.33 -3.80 24.49
N GLU A 112 -14.03 -3.70 24.28
CA GLU A 112 -13.49 -2.55 23.56
C GLU A 112 -13.22 -2.93 22.10
N ARG A 113 -13.76 -2.12 21.18
CA ARG A 113 -13.51 -2.31 19.75
C ARG A 113 -12.94 -1.05 19.12
N LEU A 114 -11.64 -1.09 18.82
CA LEU A 114 -11.02 0.06 18.15
C LEU A 114 -10.52 -0.30 16.70
N LEU A 115 -10.60 0.70 15.83
CA LEU A 115 -10.23 0.61 14.42
C LEU A 115 -9.19 1.68 14.10
N VAL A 116 -8.03 1.28 13.58
CA VAL A 116 -6.94 2.23 13.37
C VAL A 116 -6.64 2.45 11.88
N TYR A 117 -6.91 3.65 11.40
CA TYR A 117 -6.74 3.96 9.98
C TYR A 117 -5.49 4.78 9.66
N GLU A 118 -4.91 4.58 8.49
CA GLU A 118 -3.98 5.59 7.99
C GLU A 118 -4.65 7.00 8.04
N PHE A 119 -3.94 8.00 8.56
CA PHE A 119 -4.47 9.33 8.69
C PHE A 119 -4.42 10.12 7.36
N MSE A 120 -5.52 10.76 7.02
CA MSE A 120 -5.67 11.31 5.68
C MSE A 120 -5.58 12.82 5.75
O MSE A 120 -6.53 13.53 6.12
CB MSE A 120 -6.97 10.84 5.07
CG MSE A 120 -7.08 9.29 5.00
SE MSE A 120 -6.00 8.51 3.55
CE MSE A 120 -6.67 9.74 2.25
N LYS A 121 -4.40 13.30 5.37
CA LYS A 121 -3.93 14.64 5.66
C LYS A 121 -4.95 15.79 5.68
N TYR A 122 -5.93 15.81 4.77
CA TYR A 122 -6.82 16.96 4.75
C TYR A 122 -8.19 16.66 5.35
N GLY A 123 -8.31 15.52 6.02
CA GLY A 123 -9.55 15.19 6.70
C GLY A 123 -10.64 14.86 5.70
N SER A 124 -11.90 15.10 6.06
CA SER A 124 -13.04 14.70 5.22
C SER A 124 -13.31 15.77 4.23
N LEU A 125 -14.05 15.45 3.18
CA LEU A 125 -14.38 16.43 2.14
C LEU A 125 -15.27 17.54 2.66
N GLU A 126 -16.27 17.19 3.44
CA GLU A 126 -17.19 18.14 4.05
C GLU A 126 -16.52 19.34 4.75
N ASP A 127 -15.65 19.00 5.72
CA ASP A 127 -14.78 19.95 6.42
C ASP A 127 -14.05 20.86 5.43
N VAL A 128 -13.54 20.24 4.36
CA VAL A 128 -12.75 20.96 3.37
C VAL A 128 -13.64 21.54 2.29
N LEU A 129 -14.78 22.08 2.70
CA LEU A 129 -15.74 22.60 1.73
C LEU A 129 -16.95 23.27 2.40
N LYS A 138 -11.61 25.18 -0.70
CA LYS A 138 -10.15 25.32 -0.77
C LYS A 138 -9.62 24.45 -1.92
N LEU A 139 -10.40 24.33 -2.99
CA LEU A 139 -10.02 23.50 -4.12
C LEU A 139 -10.76 23.83 -5.43
N ASN A 140 -9.97 24.01 -6.49
CA ASN A 140 -10.46 24.43 -7.81
C ASN A 140 -11.05 23.26 -8.59
N TRP A 141 -11.59 23.54 -9.78
CA TRP A 141 -12.38 22.52 -10.48
C TRP A 141 -11.64 21.23 -10.84
N SER A 142 -10.43 21.33 -11.41
CA SER A 142 -9.61 20.17 -11.71
C SER A 142 -9.43 19.29 -10.49
N THR A 143 -9.30 19.93 -9.33
CA THR A 143 -9.18 19.24 -8.04
C THR A 143 -10.52 18.62 -7.63
N ARG A 144 -11.64 19.26 -7.98
CA ARG A 144 -12.93 18.67 -7.62
C ARG A 144 -13.33 17.52 -8.54
N ARG A 145 -12.97 17.56 -9.82
CA ARG A 145 -13.30 16.44 -10.69
C ARG A 145 -12.41 15.24 -10.32
N LYS A 146 -11.19 15.50 -9.87
CA LYS A 146 -10.28 14.44 -9.43
C LYS A 146 -10.89 13.70 -8.22
N ILE A 147 -11.74 14.44 -7.50
CA ILE A 147 -12.37 13.92 -6.31
C ILE A 147 -13.61 13.10 -6.65
N ALA A 148 -14.39 13.57 -7.62
CA ALA A 148 -15.58 12.85 -8.09
C ALA A 148 -15.24 11.51 -8.73
N ILE A 149 -14.15 11.50 -9.51
CA ILE A 149 -13.76 10.35 -10.28
C ILE A 149 -13.17 9.36 -9.35
N GLY A 150 -12.23 9.83 -8.53
CA GLY A 150 -11.59 8.91 -7.60
C GLY A 150 -12.57 8.35 -6.62
N SER A 151 -13.53 9.17 -6.18
CA SER A 151 -14.58 8.67 -5.28
C SER A 151 -15.51 7.72 -6.03
N ALA A 152 -15.64 7.90 -7.36
CA ALA A 152 -16.46 6.97 -8.15
C ALA A 152 -15.82 5.60 -8.24
N ARG A 153 -14.51 5.64 -8.45
CA ARG A 153 -13.70 4.46 -8.70
C ARG A 153 -13.72 3.58 -7.50
N GLY A 154 -13.65 4.20 -6.34
CA GLY A 154 -13.64 3.43 -5.11
C GLY A 154 -14.97 2.82 -4.82
N LEU A 155 -16.04 3.46 -5.23
CA LEU A 155 -17.36 2.81 -5.08
C LEU A 155 -17.60 1.71 -6.04
N ALA A 156 -17.04 1.80 -7.26
CA ALA A 156 -17.11 0.69 -8.19
C ALA A 156 -16.28 -0.49 -7.68
N PHE A 157 -15.13 -0.24 -7.06
CA PHE A 157 -14.41 -1.34 -6.43
C PHE A 157 -15.37 -2.14 -5.60
N LEU A 158 -16.11 -1.44 -4.75
CA LEU A 158 -16.96 -2.09 -3.77
C LEU A 158 -18.06 -2.89 -4.46
N HIS A 159 -18.52 -2.37 -5.60
CA HIS A 159 -19.67 -2.96 -6.29
C HIS A 159 -19.31 -4.07 -7.25
N HIS A 160 -18.37 -3.72 -8.12
CA HIS A 160 -18.04 -4.49 -9.29
C HIS A 160 -16.74 -5.36 -9.19
N ASN A 161 -15.89 -5.13 -8.19
CA ASN A 161 -14.64 -5.88 -8.06
C ASN A 161 -14.48 -6.70 -6.73
N CYS A 162 -15.53 -6.73 -5.88
CA CYS A 162 -15.58 -7.63 -4.72
C CYS A 162 -16.70 -8.64 -4.88
N SER A 163 -16.46 -9.84 -4.38
CA SER A 163 -17.49 -10.83 -4.43
C SER A 163 -17.46 -11.60 -3.14
N PRO A 164 -18.54 -11.56 -2.36
CA PRO A 164 -19.81 -10.79 -2.45
C PRO A 164 -19.57 -9.29 -2.67
N HIS A 165 -20.48 -8.57 -3.32
CA HIS A 165 -20.38 -7.11 -3.40
C HIS A 165 -20.47 -6.46 -2.04
N ILE A 166 -19.81 -5.30 -1.93
CA ILE A 166 -19.94 -4.54 -0.73
C ILE A 166 -20.91 -3.43 -0.98
N ILE A 167 -21.97 -3.38 -0.18
CA ILE A 167 -22.83 -2.21 -0.21
C ILE A 167 -22.45 -1.34 0.97
N HIS A 168 -22.01 -0.11 0.66
CA HIS A 168 -21.52 0.83 1.66
C HIS A 168 -22.57 1.38 2.63
N ARG A 169 -23.72 1.74 2.09
CA ARG A 169 -24.95 2.21 2.77
C ARG A 169 -24.88 3.56 3.52
N ASP A 170 -23.74 4.25 3.42
CA ASP A 170 -23.65 5.58 3.99
C ASP A 170 -22.68 6.46 3.18
N MSE A 171 -22.87 6.54 1.87
CA MSE A 171 -22.07 7.51 1.14
C MSE A 171 -22.45 8.97 1.44
O MSE A 171 -23.65 9.29 1.55
CB MSE A 171 -22.15 7.26 -0.36
CG MSE A 171 -20.88 6.56 -0.87
SE MSE A 171 -19.28 7.73 -0.79
CE MSE A 171 -19.87 9.12 -2.00
N LYS A 172 -21.44 9.81 1.61
CA LYS A 172 -21.66 11.24 1.91
C LYS A 172 -20.35 12.04 1.95
N SER A 173 -20.44 13.35 1.86
CA SER A 173 -19.25 14.20 2.00
C SER A 173 -18.31 13.89 3.18
N SER A 174 -18.84 13.64 4.37
CA SER A 174 -17.95 13.42 5.49
C SER A 174 -17.29 12.05 5.46
N ASN A 175 -17.75 11.21 4.52
CA ASN A 175 -17.29 9.83 4.37
C ASN A 175 -16.43 9.72 3.09
N VAL A 176 -16.04 10.87 2.54
CA VAL A 176 -14.98 10.96 1.55
C VAL A 176 -13.77 11.67 2.15
N LEU A 177 -12.70 10.93 2.40
CA LEU A 177 -11.55 11.61 2.98
C LEU A 177 -10.60 12.04 1.86
N LEU A 178 -9.62 12.87 2.21
CA LEU A 178 -8.69 13.49 1.25
C LEU A 178 -7.23 13.29 1.65
N ASP A 179 -6.38 12.70 0.82
CA ASP A 179 -4.97 12.54 1.22
C ASP A 179 -4.12 13.76 0.91
N GLU A 180 -2.80 13.58 1.00
CA GLU A 180 -1.81 14.65 0.83
C GLU A 180 -1.97 15.31 -0.53
N ASN A 181 -2.20 14.48 -1.56
CA ASN A 181 -2.37 14.93 -2.94
C ASN A 181 -3.80 15.27 -3.33
N LEU A 182 -4.68 15.23 -2.34
CA LEU A 182 -6.07 15.63 -2.46
C LEU A 182 -6.93 14.72 -3.37
N GLU A 183 -6.53 13.43 -3.40
CA GLU A 183 -7.32 12.34 -3.98
C GLU A 183 -8.41 11.83 -3.02
N ALA A 184 -9.47 11.23 -3.56
CA ALA A 184 -10.60 10.79 -2.72
C ALA A 184 -10.38 9.38 -2.18
N ARG A 185 -10.95 9.14 -1.00
CA ARG A 185 -10.80 7.89 -0.30
C ARG A 185 -12.06 7.61 0.43
N VAL A 186 -12.81 6.60 0.00
CA VAL A 186 -14.13 6.41 0.57
C VAL A 186 -13.90 5.86 1.98
N SER A 187 -14.79 6.25 2.91
CA SER A 187 -14.59 5.93 4.30
C SER A 187 -15.86 5.48 4.99
N ASP A 188 -15.65 5.08 6.26
CA ASP A 188 -16.67 4.72 7.22
C ASP A 188 -17.46 3.50 6.76
N PHE A 189 -16.95 2.31 7.06
CA PHE A 189 -17.65 1.10 6.62
C PHE A 189 -18.47 0.46 7.71
N GLY A 190 -18.83 1.19 8.77
CA GLY A 190 -19.62 0.62 9.86
C GLY A 190 -21.03 0.10 9.53
N MSE A 191 -21.66 0.80 8.58
CA MSE A 191 -22.90 0.37 7.93
C MSE A 191 -22.80 -0.74 6.89
O MSE A 191 -23.81 -1.36 6.56
CB MSE A 191 -23.48 1.56 7.22
CG MSE A 191 -24.89 1.77 7.59
SE MSE A 191 -24.86 2.80 9.20
CE MSE A 191 -25.46 4.37 8.25
N ALA A 192 -21.60 -0.92 6.33
CA ALA A 192 -21.38 -1.80 5.17
C ALA A 192 -21.92 -3.23 5.30
N ARG A 193 -22.29 -3.76 4.13
CA ARG A 193 -22.88 -5.11 4.03
C ARG A 193 -22.44 -5.87 2.76
N LEU A 194 -22.21 -7.15 2.97
CA LEU A 194 -21.84 -8.08 1.93
C LEU A 194 -23.11 -8.58 1.25
N MSE A 195 -23.13 -8.66 -0.08
CA MSE A 195 -24.31 -9.06 -0.84
C MSE A 195 -23.76 -9.95 -1.92
O MSE A 195 -22.90 -9.61 -2.70
CB MSE A 195 -25.08 -7.85 -1.43
CG MSE A 195 -26.44 -8.16 -2.15
SE MSE A 195 -27.04 -7.11 -3.67
CE MSE A 195 -26.28 -5.38 -3.57
N SER A 196 -24.24 -11.17 -1.91
CA SER A 196 -23.87 -12.18 -2.88
C SER A 196 -23.99 -11.66 -4.33
N ALA A 197 -22.98 -11.87 -5.19
CA ALA A 197 -23.11 -11.34 -6.54
C ALA A 197 -24.35 -11.92 -7.23
N MSE A 198 -24.79 -13.09 -6.80
CA MSE A 198 -26.04 -13.67 -7.33
C MSE A 198 -27.35 -12.89 -7.01
O MSE A 198 -28.40 -13.19 -7.60
CB MSE A 198 -26.22 -15.13 -6.82
CG MSE A 198 -25.30 -16.17 -7.44
SE MSE A 198 -25.37 -17.83 -6.35
CE MSE A 198 -24.25 -17.40 -4.77
N ASP A 199 -27.33 -11.94 -6.05
CA ASP A 199 -28.55 -11.27 -5.60
C ASP A 199 -28.63 -9.85 -6.22
N TPO A 200 -29.84 -9.31 -6.30
CA TPO A 200 -30.02 -7.96 -6.77
CB TPO A 200 -31.19 -7.85 -7.74
CG2 TPO A 200 -30.68 -8.35 -9.06
OG1 TPO A 200 -32.30 -8.67 -7.39
P TPO A 200 -33.61 -7.72 -7.46
O1P TPO A 200 -34.73 -8.41 -8.14
O2P TPO A 200 -33.96 -7.29 -5.95
O3P TPO A 200 -33.28 -6.41 -8.34
C TPO A 200 -30.20 -7.02 -5.62
O TPO A 200 -29.87 -5.85 -5.73
N HIS A 201 -30.69 -7.52 -4.50
CA HIS A 201 -30.83 -6.66 -3.33
C HIS A 201 -30.41 -7.39 -2.07
N LEU A 202 -30.32 -6.67 -0.97
CA LEU A 202 -30.06 -7.33 0.29
C LEU A 202 -31.07 -6.81 1.32
N SEP A 203 -31.66 -7.70 2.12
CA SEP A 203 -32.71 -7.30 3.05
CB SEP A 203 -33.73 -8.40 3.19
OG SEP A 203 -34.22 -8.70 1.90
C SEP A 203 -32.17 -6.95 4.44
O SEP A 203 -31.54 -7.78 5.08
P SEP A 203 -35.34 -9.84 1.92
O1P SEP A 203 -35.37 -10.56 0.48
O2P SEP A 203 -36.76 -9.10 2.20
O3P SEP A 203 -35.00 -10.88 3.09
N VAL A 204 -32.42 -5.73 4.88
CA VAL A 204 -31.93 -5.35 6.21
C VAL A 204 -33.06 -5.28 7.27
N SEP A 205 -32.73 -4.75 8.45
CA SEP A 205 -33.64 -4.72 9.60
CB SEP A 205 -32.92 -5.26 10.85
OG SEP A 205 -32.00 -4.31 11.38
C SEP A 205 -34.12 -3.30 9.87
O SEP A 205 -35.27 -3.07 10.27
P SEP A 205 -30.46 -4.73 11.16
O1P SEP A 205 -30.30 -6.30 10.82
O2P SEP A 205 -29.81 -3.84 9.97
O3P SEP A 205 -29.66 -4.46 12.53
N THR A 206 -33.26 -2.35 9.63
CA THR A 206 -33.59 -0.96 9.91
C THR A 206 -33.28 0.00 8.77
N LEU A 207 -33.84 1.19 8.84
CA LEU A 207 -33.48 2.20 7.86
C LEU A 207 -32.28 2.93 8.41
N ALA A 208 -31.13 2.67 7.80
CA ALA A 208 -29.91 3.39 8.12
C ALA A 208 -29.53 4.36 6.99
N GLY A 209 -29.09 5.56 7.37
CA GLY A 209 -28.73 6.57 6.39
C GLY A 209 -28.35 7.90 7.01
N THR A 210 -27.89 8.83 6.19
CA THR A 210 -27.58 10.19 6.62
C THR A 210 -28.52 11.15 5.91
N PRO A 211 -29.17 12.03 6.68
CA PRO A 211 -30.26 12.86 6.15
C PRO A 211 -29.90 13.66 4.88
N GLY A 212 -30.70 13.45 3.82
CA GLY A 212 -30.53 14.12 2.53
C GLY A 212 -29.77 13.29 1.53
N TYR A 213 -29.34 12.11 1.95
CA TYR A 213 -28.57 11.16 1.14
C TYR A 213 -29.32 9.88 0.85
N VAL A 214 -30.46 9.69 1.53
CA VAL A 214 -31.15 8.41 1.53
C VAL A 214 -32.02 8.25 0.28
N PRO A 215 -31.75 7.22 -0.53
CA PRO A 215 -32.52 7.04 -1.76
C PRO A 215 -34.01 6.79 -1.48
N PRO A 216 -34.88 7.26 -2.37
CA PRO A 216 -36.32 7.00 -2.30
C PRO A 216 -36.69 5.57 -1.84
N GLU A 217 -36.23 4.52 -2.51
CA GLU A 217 -36.88 3.22 -2.27
C GLU A 217 -36.51 2.61 -0.94
N TYR A 218 -35.57 3.23 -0.25
CA TYR A 218 -35.17 2.80 1.10
C TYR A 218 -36.18 3.24 2.11
N TYR A 219 -36.90 4.33 1.81
CA TYR A 219 -38.02 4.76 2.65
C TYR A 219 -39.22 3.83 2.54
N GLN A 220 -39.29 3.07 1.46
CA GLN A 220 -40.46 2.27 1.15
C GLN A 220 -40.29 0.81 1.56
N SEP A 221 -39.02 0.42 1.70
CA SEP A 221 -38.64 -0.97 1.96
CB SEP A 221 -38.47 -1.71 0.64
OG SEP A 221 -38.24 -3.08 0.88
C SEP A 221 -37.35 -1.10 2.77
O SEP A 221 -36.43 -0.26 2.66
P SEP A 221 -39.49 -4.02 0.46
O1P SEP A 221 -39.14 -5.55 0.83
O2P SEP A 221 -39.77 -3.87 -1.12
O3P SEP A 221 -40.81 -3.64 1.30
N PHE A 222 -37.24 -2.14 3.59
CA PHE A 222 -35.98 -2.39 4.28
C PHE A 222 -35.11 -3.24 3.42
N ARG A 223 -34.49 -2.62 2.41
CA ARG A 223 -33.65 -3.31 1.46
C ARG A 223 -32.56 -2.40 0.96
N CYS A 224 -31.32 -2.84 0.95
CA CYS A 224 -30.34 -2.03 0.28
C CYS A 224 -29.81 -2.77 -0.98
N SER A 225 -29.11 -2.00 -1.83
CA SER A 225 -28.62 -2.44 -3.15
C SER A 225 -27.45 -1.56 -3.53
N THR A 226 -26.68 -1.94 -4.54
CA THR A 226 -25.59 -1.08 -5.01
C THR A 226 -26.17 0.20 -5.65
N LYS A 227 -27.36 0.09 -6.25
CA LYS A 227 -28.07 1.20 -6.84
C LYS A 227 -28.46 2.27 -5.84
N GLY A 228 -28.66 1.84 -4.58
CA GLY A 228 -28.83 2.76 -3.47
C GLY A 228 -27.60 3.61 -3.32
N ASP A 229 -26.42 2.99 -3.32
CA ASP A 229 -25.15 3.71 -3.19
C ASP A 229 -24.95 4.69 -4.30
N VAL A 230 -25.44 4.33 -5.49
CA VAL A 230 -25.30 5.21 -6.66
C VAL A 230 -26.08 6.51 -6.42
N TYR A 231 -27.26 6.39 -5.83
CA TYR A 231 -28.03 7.59 -5.51
C TYR A 231 -27.23 8.47 -4.56
N SER A 232 -26.87 7.89 -3.41
CA SER A 232 -26.14 8.63 -2.39
C SER A 232 -24.90 9.28 -3.02
N TYR A 233 -24.29 8.58 -3.96
CA TYR A 233 -23.12 9.13 -4.63
C TYR A 233 -23.45 10.48 -5.32
N GLY A 234 -24.54 10.52 -6.09
CA GLY A 234 -24.84 11.72 -6.88
C GLY A 234 -25.03 12.99 -6.06
N VAL A 235 -25.80 12.90 -4.98
CA VAL A 235 -25.85 13.95 -3.96
C VAL A 235 -24.47 14.57 -3.67
N VAL A 236 -23.49 13.69 -3.46
CA VAL A 236 -22.13 14.09 -3.12
C VAL A 236 -21.50 14.78 -4.32
N LEU A 237 -22.01 14.50 -5.52
CA LEU A 237 -21.55 15.20 -6.74
C LEU A 237 -22.06 16.63 -6.77
N LEU A 238 -23.31 16.82 -6.37
CA LEU A 238 -23.93 18.15 -6.26
C LEU A 238 -23.16 19.01 -5.30
N GLU A 239 -22.80 18.42 -4.17
CA GLU A 239 -21.97 19.10 -3.21
C GLU A 239 -20.70 19.67 -3.86
N LEU A 240 -20.15 18.93 -4.82
CA LEU A 240 -18.95 19.34 -5.54
C LEU A 240 -19.28 20.37 -6.62
N LEU A 241 -20.45 20.20 -7.24
CA LEU A 241 -20.88 21.12 -8.26
C LEU A 241 -21.25 22.49 -7.66
N THR A 242 -22.20 22.48 -6.72
CA THR A 242 -22.76 23.68 -6.11
C THR A 242 -22.00 24.22 -4.88
N GLY A 243 -21.19 23.40 -4.22
CA GLY A 243 -20.42 23.85 -3.08
C GLY A 243 -21.23 23.98 -1.79
N LYS A 244 -22.47 23.49 -1.78
CA LYS A 244 -23.38 23.59 -0.64
C LYS A 244 -23.59 22.29 0.18
N ARG A 245 -24.05 22.43 1.42
CA ARG A 245 -24.44 21.25 2.21
C ARG A 245 -25.67 20.59 1.57
N PRO A 246 -25.82 19.26 1.75
CA PRO A 246 -26.98 18.51 1.24
C PRO A 246 -28.33 18.86 1.86
N THR A 247 -28.33 19.33 3.11
CA THR A 247 -29.56 19.81 3.74
C THR A 247 -29.27 21.08 4.55
N ASP A 248 -30.33 21.85 4.80
CA ASP A 248 -30.29 22.94 5.77
C ASP A 248 -29.32 24.07 5.43
N SER A 249 -29.43 24.60 4.23
CA SER A 249 -28.78 25.86 3.81
C SER A 249 -29.88 26.88 3.49
N PRO A 250 -29.56 28.19 3.58
CA PRO A 250 -30.55 29.28 3.49
C PRO A 250 -31.47 29.30 2.25
N ASP A 251 -30.96 28.94 1.07
CA ASP A 251 -31.71 29.00 -0.20
C ASP A 251 -32.70 27.86 -0.40
N PHE A 252 -32.39 26.72 0.21
CA PHE A 252 -33.13 25.48 0.00
C PHE A 252 -34.63 25.67 0.15
N GLY A 253 -35.03 26.40 1.21
CA GLY A 253 -36.39 26.32 1.68
C GLY A 253 -36.64 24.91 2.20
N ASP A 254 -37.81 24.38 1.87
CA ASP A 254 -38.25 23.08 2.38
C ASP A 254 -37.32 21.89 2.09
N ASN A 255 -36.66 21.86 0.92
CA ASN A 255 -36.07 20.60 0.50
C ASN A 255 -34.56 20.41 0.69
N ASN A 256 -34.15 19.14 0.70
CA ASN A 256 -32.76 18.76 0.49
C ASN A 256 -32.31 19.31 -0.87
N LEU A 257 -30.99 19.35 -1.09
CA LEU A 257 -30.49 19.99 -2.29
C LEU A 257 -30.78 19.15 -3.54
N VAL A 258 -31.39 17.98 -3.34
CA VAL A 258 -31.90 17.20 -4.46
C VAL A 258 -33.15 17.91 -4.97
N GLY A 259 -33.95 18.42 -4.03
CA GLY A 259 -35.08 19.28 -4.35
C GLY A 259 -34.66 20.65 -4.84
N TRP A 260 -33.70 21.26 -4.16
CA TRP A 260 -33.20 22.59 -4.54
C TRP A 260 -32.49 22.60 -5.90
N VAL A 261 -31.93 21.48 -6.33
CA VAL A 261 -31.30 21.45 -7.66
C VAL A 261 -32.37 21.17 -8.72
N LYS A 262 -33.29 20.27 -8.38
CA LYS A 262 -34.31 19.81 -9.32
C LYS A 262 -35.28 20.92 -9.74
N GLN A 263 -35.70 21.76 -8.79
CA GLN A 263 -36.64 22.82 -9.13
C GLN A 263 -35.95 24.04 -9.72
N HIS A 264 -34.91 24.51 -9.03
CA HIS A 264 -34.10 25.66 -9.46
C HIS A 264 -33.74 25.63 -10.96
N ALA A 265 -33.57 24.42 -11.49
CA ALA A 265 -33.09 24.21 -12.86
C ALA A 265 -33.77 25.07 -13.92
N LYS A 266 -35.06 24.85 -14.14
CA LYS A 266 -35.82 25.55 -15.19
C LYS A 266 -35.59 27.05 -15.18
N LEU A 267 -35.45 27.61 -13.99
CA LEU A 267 -35.14 29.03 -13.82
C LEU A 267 -33.81 29.41 -14.47
N ARG A 268 -32.75 28.72 -14.06
CA ARG A 268 -31.45 28.83 -14.66
C ARG A 268 -30.69 27.61 -14.17
N ILE A 269 -29.76 27.09 -14.96
CA ILE A 269 -29.05 25.92 -14.49
C ILE A 269 -27.72 26.37 -13.90
N SER A 270 -26.97 27.12 -14.70
CA SER A 270 -25.63 27.62 -14.32
C SER A 270 -25.53 28.46 -13.03
N ASP A 271 -26.66 28.87 -12.45
CA ASP A 271 -26.65 29.62 -11.20
C ASP A 271 -26.45 28.70 -10.00
N VAL A 272 -26.82 27.43 -10.16
CA VAL A 272 -26.72 26.43 -9.09
C VAL A 272 -25.26 26.06 -8.83
N PHE A 273 -24.39 26.38 -9.78
CA PHE A 273 -22.99 26.03 -9.67
C PHE A 273 -22.30 26.94 -8.66
N ASP A 274 -21.30 26.39 -7.97
CA ASP A 274 -20.46 27.14 -7.04
C ASP A 274 -19.78 28.33 -7.72
N PRO A 275 -20.08 29.54 -7.24
CA PRO A 275 -19.47 30.79 -7.70
C PRO A 275 -17.97 30.69 -7.92
N GLU A 276 -17.28 29.99 -7.02
CA GLU A 276 -15.83 29.90 -7.05
C GLU A 276 -15.31 29.24 -8.33
N LEU A 277 -15.97 28.17 -8.75
CA LEU A 277 -15.62 27.48 -9.98
C LEU A 277 -15.78 28.42 -11.16
N MSE A 278 -16.98 29.00 -11.24
CA MSE A 278 -17.36 29.90 -12.30
C MSE A 278 -16.47 31.14 -12.39
O MSE A 278 -16.17 31.62 -13.48
CB MSE A 278 -18.82 30.35 -12.09
CG MSE A 278 -19.79 29.20 -12.16
SE MSE A 278 -20.06 28.70 -14.01
CE MSE A 278 -21.89 29.32 -14.19
N LYS A 279 -16.05 31.61 -11.22
CA LYS A 279 -15.24 32.83 -11.09
C LYS A 279 -13.85 32.71 -11.71
N GLU A 280 -13.23 31.54 -11.54
CA GLU A 280 -11.91 31.30 -12.11
C GLU A 280 -11.93 31.35 -13.65
N ASP A 281 -12.99 30.81 -14.28
CA ASP A 281 -13.09 30.75 -15.74
C ASP A 281 -14.52 30.63 -16.26
N PRO A 282 -14.87 31.45 -17.27
CA PRO A 282 -16.13 31.24 -18.02
C PRO A 282 -16.07 30.01 -18.95
N ALA A 283 -14.89 29.43 -19.12
CA ALA A 283 -14.71 28.38 -20.13
C ALA A 283 -15.17 27.01 -19.65
N LEU A 284 -15.22 26.84 -18.33
CA LEU A 284 -15.63 25.56 -17.74
C LEU A 284 -17.14 25.45 -17.57
N GLU A 285 -17.86 26.56 -17.84
CA GLU A 285 -19.33 26.58 -17.79
C GLU A 285 -19.95 25.33 -18.41
N ILE A 286 -19.39 24.90 -19.54
CA ILE A 286 -19.91 23.73 -20.23
C ILE A 286 -19.45 22.40 -19.62
N GLU A 287 -18.16 22.31 -19.22
CA GLU A 287 -17.60 21.10 -18.59
C GLU A 287 -18.36 20.80 -17.31
N LEU A 288 -18.87 21.85 -16.68
CA LEU A 288 -19.61 21.78 -15.42
C LEU A 288 -21.06 21.33 -15.62
N LEU A 289 -21.63 21.64 -16.77
CA LEU A 289 -22.99 21.26 -17.07
C LEU A 289 -23.11 19.77 -17.25
N GLN A 290 -22.16 19.20 -17.98
CA GLN A 290 -22.28 17.79 -18.33
C GLN A 290 -22.08 16.89 -17.07
N HIS A 291 -21.20 17.30 -16.17
CA HIS A 291 -21.04 16.62 -14.93
C HIS A 291 -22.36 16.64 -14.16
N LEU A 292 -23.18 17.64 -14.43
CA LEU A 292 -24.45 17.75 -13.73
C LEU A 292 -25.46 16.76 -14.32
N LYS A 293 -25.28 16.42 -15.59
CA LYS A 293 -26.10 15.37 -16.21
C LYS A 293 -25.85 14.00 -15.56
N VAL A 294 -24.60 13.74 -15.18
CA VAL A 294 -24.25 12.49 -14.58
C VAL A 294 -24.94 12.43 -13.22
N ALA A 295 -24.70 13.44 -12.39
CA ALA A 295 -25.30 13.53 -11.07
C ALA A 295 -26.80 13.33 -11.06
N VAL A 296 -27.50 13.84 -12.06
CA VAL A 296 -28.94 13.69 -12.04
C VAL A 296 -29.31 12.24 -12.35
N ALA A 297 -28.62 11.65 -13.33
CA ALA A 297 -28.84 10.26 -13.71
C ALA A 297 -28.70 9.34 -12.50
N CYS A 298 -27.71 9.62 -11.65
CA CYS A 298 -27.55 8.87 -10.43
C CYS A 298 -28.74 9.04 -9.49
N LEU A 299 -29.38 10.20 -9.59
CA LEU A 299 -30.44 10.61 -8.67
C LEU A 299 -31.86 10.26 -9.15
N ASP A 300 -31.94 9.49 -10.24
CA ASP A 300 -33.19 8.95 -10.73
C ASP A 300 -33.94 8.25 -9.61
N ASP A 301 -35.25 8.45 -9.53
CA ASP A 301 -36.10 7.82 -8.53
C ASP A 301 -36.32 6.31 -8.74
N ARG A 302 -36.08 5.81 -9.96
CA ARG A 302 -36.20 4.38 -10.22
C ARG A 302 -34.81 3.76 -10.19
N ALA A 303 -34.50 2.96 -9.19
CA ALA A 303 -33.16 2.38 -9.06
C ALA A 303 -32.57 1.82 -10.39
N TRP A 304 -33.37 0.99 -11.08
CA TRP A 304 -32.92 0.31 -12.29
C TRP A 304 -32.44 1.25 -13.42
N ARG A 305 -32.90 2.50 -13.43
CA ARG A 305 -32.50 3.47 -14.45
C ARG A 305 -31.16 4.14 -14.15
N ARG A 306 -30.62 3.90 -12.96
CA ARG A 306 -29.37 4.54 -12.56
C ARG A 306 -28.17 3.87 -13.18
N PRO A 307 -27.17 4.66 -13.55
CA PRO A 307 -25.90 4.03 -13.90
C PRO A 307 -25.30 3.20 -12.76
N THR A 308 -24.57 2.18 -13.14
CA THR A 308 -23.73 1.47 -12.26
C THR A 308 -22.56 2.41 -12.03
N MSE A 309 -21.86 2.26 -10.92
CA MSE A 309 -20.65 3.06 -10.72
C MSE A 309 -19.64 2.94 -11.88
O MSE A 309 -18.78 3.80 -12.02
CB MSE A 309 -19.95 2.68 -9.38
CG MSE A 309 -20.65 3.26 -8.16
SE MSE A 309 -21.47 5.07 -8.47
CE MSE A 309 -19.84 6.11 -8.52
N VAL A 310 -19.79 1.93 -12.75
CA VAL A 310 -18.85 1.73 -13.87
C VAL A 310 -19.26 2.54 -15.07
N GLN A 311 -20.57 2.61 -15.28
CA GLN A 311 -21.09 3.51 -16.25
C GLN A 311 -20.84 4.98 -15.87
N VAL A 312 -21.06 5.37 -14.61
CA VAL A 312 -20.68 6.70 -14.18
C VAL A 312 -19.24 7.05 -14.57
N MSE A 313 -18.34 6.09 -14.45
CA MSE A 313 -16.93 6.36 -14.77
C MSE A 313 -16.68 6.63 -16.26
O MSE A 313 -15.92 7.53 -16.59
CB MSE A 313 -16.07 5.21 -14.28
CG MSE A 313 -15.86 5.18 -12.77
SE MSE A 313 -14.35 4.12 -12.33
CE MSE A 313 -15.17 2.48 -12.64
N ALA A 314 -17.33 5.87 -17.13
CA ALA A 314 -17.29 6.10 -18.57
C ALA A 314 -17.89 7.44 -18.93
N MSE A 315 -18.97 7.80 -18.22
CA MSE A 315 -19.63 9.11 -18.38
C MSE A 315 -18.63 10.27 -18.18
O MSE A 315 -18.40 11.05 -19.08
CB MSE A 315 -20.82 9.23 -17.42
CG MSE A 315 -22.13 8.73 -17.99
SE MSE A 315 -23.56 8.46 -16.72
CE MSE A 315 -24.71 7.34 -17.78
N PHE A 316 -17.99 10.33 -17.02
CA PHE A 316 -16.89 11.26 -16.79
C PHE A 316 -15.73 11.26 -17.81
N LYS A 317 -15.49 10.12 -18.45
CA LYS A 317 -14.34 10.00 -19.35
C LYS A 317 -14.74 10.46 -20.76
N GLU A 318 -16.00 10.26 -21.14
CA GLU A 318 -16.50 10.72 -22.43
C GLU A 318 -16.43 12.23 -22.43
N ILE A 319 -16.99 12.82 -21.38
CA ILE A 319 -16.98 14.27 -21.19
C ILE A 319 -15.62 14.95 -21.48
N GLN A 320 -14.52 14.36 -20.99
CA GLN A 320 -13.15 14.89 -21.17
C GLN A 320 -12.48 14.66 -22.56
N ALA A 321 -13.28 14.31 -23.58
CA ALA A 321 -12.79 14.16 -24.97
C ALA A 321 -13.88 14.49 -25.99
N ASP B 13 42.14 -14.82 -13.74
CA ASP B 13 42.08 -14.72 -12.28
C ASP B 13 40.95 -15.59 -11.77
N LEU B 14 41.27 -16.83 -11.49
CA LEU B 14 40.30 -17.79 -11.04
C LEU B 14 39.93 -17.56 -9.57
N GLU B 15 38.62 -17.37 -9.32
CA GLU B 15 38.00 -17.47 -7.98
C GLU B 15 37.39 -18.87 -7.69
N VAL B 16 37.64 -19.41 -6.51
CA VAL B 16 36.84 -20.51 -5.97
C VAL B 16 35.75 -19.85 -5.12
N LEU B 17 34.49 -19.96 -5.54
CA LEU B 17 33.38 -19.22 -4.93
C LEU B 17 33.13 -19.53 -3.46
N PHE B 18 32.97 -20.82 -3.15
CA PHE B 18 32.76 -21.25 -1.76
C PHE B 18 33.86 -22.15 -1.29
N GLN B 19 34.77 -21.61 -0.48
CA GLN B 19 35.77 -22.44 0.17
C GLN B 19 35.43 -22.56 1.64
N GLY B 20 34.16 -22.61 1.96
CA GLY B 20 33.76 -22.88 3.32
C GLY B 20 34.40 -24.13 3.86
N PRO B 21 34.55 -24.13 5.20
CA PRO B 21 34.93 -25.42 5.73
C PRO B 21 33.90 -25.92 6.69
N HIS B 22 34.12 -27.06 7.35
CA HIS B 22 33.31 -27.44 8.52
C HIS B 22 31.80 -27.50 8.20
N MSE B 23 31.01 -27.90 9.18
CA MSE B 23 29.58 -28.17 8.95
C MSE B 23 29.42 -29.26 7.87
O MSE B 23 30.28 -30.15 7.76
CB MSE B 23 28.84 -26.84 8.59
CG MSE B 23 27.95 -26.77 7.34
SE MSE B 23 27.21 -24.98 7.09
CE MSE B 23 28.63 -24.20 6.04
N PRO B 28 26.33 -25.11 16.36
CA PRO B 28 24.93 -25.45 16.09
C PRO B 28 23.92 -24.46 16.71
N LEU B 29 22.65 -24.65 16.39
CA LEU B 29 21.57 -23.83 16.96
C LEU B 29 21.40 -24.11 18.44
N ARG B 30 21.20 -23.03 19.19
CA ARG B 30 21.14 -23.10 20.65
C ARG B 30 19.71 -22.95 21.16
N LYS B 31 19.21 -23.99 21.82
CA LYS B 31 17.92 -23.91 22.52
C LYS B 31 18.02 -22.91 23.68
N LEU B 32 17.00 -22.07 23.84
CA LEU B 32 16.93 -21.14 24.97
C LEU B 32 15.60 -21.26 25.68
N THR B 33 15.60 -21.00 26.99
CA THR B 33 14.38 -20.91 27.77
C THR B 33 13.90 -19.46 27.78
N PHE B 34 12.58 -19.27 27.66
CA PHE B 34 11.97 -17.94 27.60
C PHE B 34 12.52 -16.97 28.66
N ALA B 35 12.51 -17.41 29.92
CA ALA B 35 12.84 -16.53 31.06
C ALA B 35 14.09 -15.68 30.89
N ASP B 36 15.12 -16.25 30.27
CA ASP B 36 16.35 -15.51 29.99
C ASP B 36 16.10 -14.37 29.02
N LEU B 37 15.31 -14.66 27.99
CA LEU B 37 14.93 -13.68 26.97
C LEU B 37 14.01 -12.61 27.55
N LEU B 38 13.19 -12.97 28.55
CA LEU B 38 12.43 -12.00 29.33
C LEU B 38 13.40 -11.03 29.96
N GLN B 39 14.40 -11.61 30.62
CA GLN B 39 15.39 -10.84 31.37
C GLN B 39 16.18 -9.90 30.47
N ALA B 40 16.82 -10.45 29.45
CA ALA B 40 17.67 -9.69 28.55
C ALA B 40 16.98 -8.50 27.87
N THR B 41 15.67 -8.61 27.66
CA THR B 41 14.90 -7.58 26.98
C THR B 41 14.16 -6.70 27.95
N ASN B 42 14.40 -6.96 29.24
CA ASN B 42 13.62 -6.39 30.33
C ASN B 42 12.11 -6.64 30.16
N GLY B 43 11.75 -7.89 29.91
CA GLY B 43 10.35 -8.25 29.71
C GLY B 43 9.82 -7.70 28.40
N PHE B 44 10.73 -7.55 27.43
CA PHE B 44 10.39 -7.01 26.12
C PHE B 44 9.92 -5.56 26.22
N HIS B 45 10.79 -4.74 26.80
CA HIS B 45 10.53 -3.31 26.97
C HIS B 45 10.67 -2.53 25.64
N ASN B 46 10.00 -1.38 25.56
CA ASN B 46 10.01 -0.55 24.36
C ASN B 46 11.40 0.04 24.08
N ASP B 47 12.15 0.37 25.13
CA ASP B 47 13.56 0.78 25.02
C ASP B 47 14.39 -0.20 24.20
N SER B 48 14.15 -1.48 24.41
CA SER B 48 14.86 -2.54 23.71
C SER B 48 14.48 -2.57 22.22
N LEU B 49 13.18 -2.52 21.94
CA LEU B 49 12.63 -2.65 20.58
C LEU B 49 13.37 -1.86 19.48
N ILE B 50 13.72 -2.54 18.39
CA ILE B 50 14.46 -1.87 17.33
C ILE B 50 13.77 -2.08 16.01
N GLY B 51 12.76 -2.92 16.02
CA GLY B 51 12.11 -3.27 14.78
C GLY B 51 10.70 -3.78 14.93
N SER B 52 9.82 -3.20 14.12
CA SER B 52 8.53 -3.79 13.81
C SER B 52 8.59 -4.51 12.46
N GLY B 53 8.21 -5.78 12.47
CA GLY B 53 8.05 -6.54 11.26
C GLY B 53 6.58 -6.87 11.08
N GLY B 54 6.23 -7.38 9.90
CA GLY B 54 4.85 -7.77 9.63
C GLY B 54 4.45 -8.96 10.48
N PHE B 55 5.44 -9.81 10.76
CA PHE B 55 5.19 -11.11 11.37
C PHE B 55 5.80 -11.25 12.77
N GLY B 56 6.73 -10.36 13.12
CA GLY B 56 7.25 -10.30 14.47
C GLY B 56 7.95 -9.01 14.83
N ASP B 57 7.95 -8.65 16.10
CA ASP B 57 8.68 -7.48 16.56
C ASP B 57 10.04 -7.92 17.10
N VAL B 58 11.08 -7.14 16.83
CA VAL B 58 12.45 -7.57 17.18
C VAL B 58 13.17 -6.57 18.13
N TYR B 59 13.86 -7.11 19.13
CA TYR B 59 14.47 -6.32 20.21
C TYR B 59 16.00 -6.40 20.24
N LYS B 60 16.64 -5.45 20.92
CA LYS B 60 18.09 -5.46 21.11
C LYS B 60 18.42 -6.13 22.45
N ALA B 61 19.55 -6.82 22.53
CA ALA B 61 19.88 -7.53 23.78
C ALA B 61 21.32 -7.98 23.96
N ILE B 62 21.63 -8.32 25.21
CA ILE B 62 22.88 -8.97 25.60
C ILE B 62 22.58 -10.15 26.50
N LEU B 63 22.96 -11.35 26.08
CA LEU B 63 22.78 -12.52 26.94
C LEU B 63 23.76 -12.52 28.10
N LYS B 64 23.73 -13.61 28.87
CA LYS B 64 24.63 -13.79 29.99
C LYS B 64 26.04 -14.02 29.48
N ASP B 65 26.13 -14.66 28.32
CA ASP B 65 27.42 -15.14 27.81
C ASP B 65 28.15 -14.03 27.06
N GLY B 66 27.59 -12.83 27.08
CA GLY B 66 28.21 -11.66 26.48
C GLY B 66 27.80 -11.38 25.04
N SER B 67 27.22 -12.38 24.36
CA SER B 67 26.84 -12.22 22.97
C SER B 67 25.78 -11.12 22.83
N ALA B 68 26.00 -10.23 21.86
CA ALA B 68 25.03 -9.20 21.53
C ALA B 68 24.11 -9.70 20.40
N VAL B 69 22.81 -9.74 20.69
CA VAL B 69 21.84 -10.32 19.77
C VAL B 69 20.70 -9.41 19.35
N ALA B 70 19.88 -9.96 18.48
CA ALA B 70 18.56 -9.45 18.18
C ALA B 70 17.59 -10.60 18.39
N ILE B 71 16.44 -10.31 18.98
CA ILE B 71 15.47 -11.35 19.24
C ILE B 71 14.22 -11.04 18.47
N LYS B 72 13.85 -11.89 17.52
CA LYS B 72 12.56 -11.74 16.88
C LYS B 72 11.54 -12.57 17.60
N LYS B 73 10.47 -11.91 18.04
CA LYS B 73 9.31 -12.54 18.63
C LYS B 73 8.19 -12.57 17.62
N LEU B 74 7.84 -13.76 17.11
CA LEU B 74 6.87 -13.88 16.04
C LEU B 74 5.44 -13.75 16.54
N ILE B 75 4.51 -13.74 15.58
CA ILE B 75 3.09 -13.58 15.86
C ILE B 75 2.38 -14.89 15.53
N HIS B 76 1.18 -15.09 16.09
CA HIS B 76 0.29 -16.25 15.91
C HIS B 76 0.52 -17.33 16.98
N ASP B 82 2.91 -21.90 12.92
CA ASP B 82 4.32 -21.58 13.05
C ASP B 82 5.08 -21.96 11.78
N ARG B 83 4.64 -21.37 10.68
CA ARG B 83 5.17 -21.66 9.35
C ARG B 83 6.48 -20.90 9.16
N GLU B 84 6.45 -19.62 9.48
CA GLU B 84 7.60 -18.76 9.40
C GLU B 84 8.72 -19.18 10.36
N PHE B 85 8.36 -19.84 11.46
CA PHE B 85 9.37 -20.32 12.39
C PHE B 85 10.08 -21.51 11.77
N MSE B 86 9.32 -22.44 11.23
CA MSE B 86 9.93 -23.66 10.71
C MSE B 86 10.72 -23.35 9.44
O MSE B 86 11.70 -24.03 9.13
CB MSE B 86 8.87 -24.74 10.43
CG MSE B 86 8.15 -25.26 11.70
SE MSE B 86 9.32 -25.97 13.11
CE MSE B 86 10.12 -27.47 12.13
N ALA B 87 10.34 -22.28 8.74
CA ALA B 87 10.98 -21.93 7.49
C ALA B 87 12.38 -21.34 7.74
N GLU B 88 12.60 -20.78 8.93
CA GLU B 88 13.93 -20.26 9.27
C GLU B 88 14.78 -21.38 9.85
N MSE B 89 14.10 -22.28 10.54
CA MSE B 89 14.76 -23.36 11.27
C MSE B 89 15.40 -24.34 10.29
O MSE B 89 16.43 -24.93 10.58
CB MSE B 89 13.77 -24.11 12.16
CG MSE B 89 13.37 -23.35 13.40
SE MSE B 89 14.84 -23.06 14.67
CE MSE B 89 15.27 -24.92 15.08
N GLU B 90 14.76 -24.49 9.13
CA GLU B 90 15.13 -25.58 8.22
C GLU B 90 15.90 -25.07 7.04
N THR B 91 16.37 -23.82 7.17
CA THR B 91 17.20 -23.22 6.15
C THR B 91 18.38 -22.48 6.81
N ILE B 92 18.21 -21.23 7.26
CA ILE B 92 19.35 -20.46 7.81
C ILE B 92 19.80 -21.04 9.18
N GLY B 93 18.88 -21.79 9.81
CA GLY B 93 19.17 -22.56 11.00
C GLY B 93 20.14 -23.71 10.79
N LYS B 94 20.23 -24.21 9.55
CA LYS B 94 21.16 -25.31 9.20
C LYS B 94 22.38 -24.95 8.32
N ILE B 95 22.69 -23.68 8.14
CA ILE B 95 23.76 -23.31 7.22
C ILE B 95 24.45 -22.02 7.64
N LYS B 96 25.72 -21.88 7.32
CA LYS B 96 26.41 -20.69 7.75
C LYS B 96 27.20 -20.08 6.61
N HIS B 97 27.14 -18.77 6.47
CA HIS B 97 27.97 -18.11 5.49
C HIS B 97 28.24 -16.65 5.87
N ARG B 98 29.44 -16.20 5.57
CA ARG B 98 29.85 -14.85 5.87
C ARG B 98 28.83 -13.74 5.52
N ASN B 99 28.06 -13.90 4.42
CA ASN B 99 27.11 -12.86 4.00
C ASN B 99 25.67 -13.25 4.33
N LEU B 100 25.50 -14.20 5.24
CA LEU B 100 24.19 -14.53 5.75
C LEU B 100 24.17 -14.32 7.26
N VAL B 101 23.09 -13.73 7.83
CA VAL B 101 23.03 -13.57 9.30
C VAL B 101 23.03 -14.90 10.05
N PRO B 102 23.83 -14.96 11.13
CA PRO B 102 23.93 -16.15 11.98
C PRO B 102 22.68 -16.30 12.79
N LEU B 103 21.97 -17.42 12.68
CA LEU B 103 20.93 -17.70 13.64
C LEU B 103 21.61 -18.42 14.80
N LEU B 104 21.69 -17.73 15.93
CA LEU B 104 22.37 -18.25 17.10
C LEU B 104 21.55 -19.30 17.88
N GLY B 105 20.24 -19.05 17.98
CA GLY B 105 19.38 -19.86 18.83
C GLY B 105 17.90 -19.66 18.61
N TYR B 106 17.07 -20.38 19.34
CA TYR B 106 15.64 -20.24 19.20
C TYR B 106 14.97 -20.55 20.53
N CYS B 107 13.77 -19.99 20.72
CA CYS B 107 12.88 -20.35 21.80
C CYS B 107 11.52 -20.75 21.23
N LYS B 108 11.14 -22.02 21.44
CA LYS B 108 9.76 -22.46 21.25
C LYS B 108 9.21 -23.02 22.56
N VAL B 109 8.39 -22.23 23.25
CA VAL B 109 7.60 -22.71 24.38
C VAL B 109 6.11 -22.38 24.21
N GLY B 110 5.25 -23.39 24.32
CA GLY B 110 3.82 -23.18 24.18
C GLY B 110 3.51 -22.54 22.84
N ASP B 111 2.94 -21.34 22.89
CA ASP B 111 2.61 -20.62 21.65
C ASP B 111 3.59 -19.48 21.40
N GLU B 112 4.72 -19.47 22.11
CA GLU B 112 5.77 -18.48 21.93
C GLU B 112 6.85 -19.00 20.99
N ARG B 113 7.23 -18.16 20.02
CA ARG B 113 8.24 -18.51 19.05
C ARG B 113 9.22 -17.36 18.85
N LEU B 114 10.48 -17.61 19.19
CA LEU B 114 11.50 -16.59 19.02
C LEU B 114 12.72 -17.12 18.28
N LEU B 115 13.30 -16.25 17.47
CA LEU B 115 14.54 -16.57 16.79
C LEU B 115 15.60 -15.57 17.23
N VAL B 116 16.65 -16.05 17.85
CA VAL B 116 17.74 -15.19 18.28
C VAL B 116 18.83 -15.11 17.22
N TYR B 117 19.09 -13.90 16.72
CA TYR B 117 20.14 -13.63 15.75
C TYR B 117 21.37 -13.03 16.43
N GLU B 118 22.51 -13.08 15.76
CA GLU B 118 23.62 -12.23 16.16
C GLU B 118 23.28 -10.80 15.76
N PHE B 119 23.49 -9.84 16.64
CA PHE B 119 23.16 -8.44 16.32
C PHE B 119 24.09 -7.74 15.30
N MSE B 120 23.51 -7.13 14.27
CA MSE B 120 24.25 -6.36 13.23
C MSE B 120 24.18 -4.85 13.49
O MSE B 120 23.10 -4.27 13.56
CB MSE B 120 23.70 -6.66 11.84
CG MSE B 120 24.69 -7.20 10.83
SE MSE B 120 25.47 -8.93 11.34
CE MSE B 120 23.87 -9.83 11.91
N LYS B 121 25.35 -4.21 13.62
CA LYS B 121 25.42 -2.85 14.16
C LYS B 121 24.41 -1.89 13.53
N TYR B 122 24.45 -1.76 12.20
CA TYR B 122 23.71 -0.67 11.59
C TYR B 122 22.34 -1.08 11.13
N GLY B 123 21.82 -2.15 11.71
CA GLY B 123 20.53 -2.66 11.28
C GLY B 123 20.48 -2.99 9.80
N SER B 124 19.38 -2.63 9.16
CA SER B 124 19.18 -2.93 7.74
C SER B 124 19.64 -1.82 6.83
N LEU B 125 19.93 -2.22 5.59
CA LEU B 125 20.33 -1.33 4.52
C LEU B 125 19.25 -0.24 4.36
N GLU B 126 17.98 -0.61 4.56
CA GLU B 126 16.89 0.34 4.35
C GLU B 126 16.82 1.37 5.49
N ASP B 127 17.33 1.02 6.68
CA ASP B 127 17.52 2.01 7.73
C ASP B 127 18.57 3.03 7.28
N VAL B 128 19.77 2.51 7.05
CA VAL B 128 20.97 3.33 6.83
C VAL B 128 20.92 4.14 5.52
N LEU B 129 20.24 3.63 4.51
CA LEU B 129 20.08 4.37 3.25
C LEU B 129 18.88 5.34 3.26
N HIS B 130 17.80 4.99 3.99
CA HIS B 130 16.54 5.76 3.89
C HIS B 130 16.01 6.45 5.18
N VAL B 137 25.19 6.84 9.20
CA VAL B 137 26.34 6.61 8.32
C VAL B 137 26.00 6.93 6.87
N LYS B 138 27.00 7.44 6.18
CA LYS B 138 26.95 7.67 4.73
C LYS B 138 27.51 6.44 3.99
N LEU B 139 26.86 6.09 2.90
CA LEU B 139 27.27 4.97 2.09
C LEU B 139 27.86 5.49 0.80
N ASN B 140 29.18 5.70 0.79
CA ASN B 140 29.81 6.19 -0.42
C ASN B 140 29.97 5.01 -1.34
N TRP B 141 30.08 5.29 -2.64
CA TRP B 141 30.00 4.27 -3.68
C TRP B 141 30.81 3.00 -3.44
N SER B 142 31.98 3.14 -2.81
CA SER B 142 32.82 1.98 -2.53
C SER B 142 32.09 1.08 -1.56
N THR B 143 31.54 1.68 -0.51
CA THR B 143 30.70 0.92 0.40
C THR B 143 29.49 0.28 -0.32
N ARG B 144 28.75 1.02 -1.14
CA ARG B 144 27.59 0.43 -1.85
C ARG B 144 27.97 -0.75 -2.78
N ARG B 145 29.09 -0.61 -3.48
CA ARG B 145 29.64 -1.74 -4.26
C ARG B 145 29.99 -2.90 -3.35
N LYS B 146 30.42 -2.62 -2.12
CA LYS B 146 30.74 -3.71 -1.19
C LYS B 146 29.45 -4.40 -0.79
N ILE B 147 28.40 -3.59 -0.64
CA ILE B 147 27.12 -4.13 -0.16
C ILE B 147 26.42 -5.00 -1.22
N ALA B 148 26.41 -4.55 -2.47
CA ALA B 148 25.78 -5.30 -3.53
C ALA B 148 26.49 -6.63 -3.73
N ILE B 149 27.83 -6.58 -3.87
CA ILE B 149 28.60 -7.80 -3.99
C ILE B 149 28.37 -8.70 -2.77
N GLY B 150 28.31 -8.16 -1.57
CA GLY B 150 28.14 -9.00 -0.39
C GLY B 150 26.86 -9.80 -0.38
N SER B 151 25.74 -9.11 -0.52
CA SER B 151 24.44 -9.79 -0.52
C SER B 151 24.29 -10.72 -1.72
N ALA B 152 24.87 -10.35 -2.85
CA ALA B 152 24.93 -11.26 -4.00
C ALA B 152 25.62 -12.54 -3.69
N ARG B 153 26.65 -12.48 -2.85
CA ARG B 153 27.32 -13.71 -2.49
C ARG B 153 26.45 -14.51 -1.53
N GLY B 154 25.73 -13.87 -0.62
CA GLY B 154 24.80 -14.59 0.25
C GLY B 154 23.74 -15.34 -0.54
N LEU B 155 23.19 -14.67 -1.56
CA LEU B 155 22.24 -15.31 -2.44
C LEU B 155 22.86 -16.46 -3.21
N ALA B 156 24.04 -16.22 -3.76
CA ALA B 156 24.67 -17.25 -4.55
C ALA B 156 24.75 -18.54 -3.70
N PHE B 157 25.06 -18.38 -2.43
CA PHE B 157 25.17 -19.47 -1.49
C PHE B 157 23.89 -20.26 -1.45
N LEU B 158 22.77 -19.57 -1.20
CA LEU B 158 21.46 -20.23 -1.12
C LEU B 158 21.10 -20.99 -2.36
N HIS B 159 21.48 -20.46 -3.51
CA HIS B 159 21.01 -20.95 -4.78
C HIS B 159 21.87 -22.00 -5.33
N HIS B 160 23.07 -22.11 -4.80
CA HIS B 160 24.12 -22.64 -5.62
C HIS B 160 25.06 -23.52 -4.87
N ASN B 161 25.12 -23.27 -3.57
CA ASN B 161 25.92 -24.11 -2.72
C ASN B 161 25.08 -24.90 -1.72
N CYS B 162 23.76 -24.74 -1.76
CA CYS B 162 22.86 -25.62 -0.95
C CYS B 162 22.13 -26.54 -1.87
N SER B 163 21.96 -27.78 -1.43
CA SER B 163 21.08 -28.70 -2.13
C SER B 163 20.23 -29.50 -1.12
N PRO B 164 18.88 -29.40 -1.18
CA PRO B 164 18.06 -28.59 -2.10
C PRO B 164 18.46 -27.10 -2.16
N HIS B 165 18.08 -26.40 -3.23
CA HIS B 165 18.30 -24.96 -3.23
C HIS B 165 17.34 -24.24 -2.32
N ILE B 166 17.83 -23.13 -1.78
CA ILE B 166 16.99 -22.27 -0.98
C ILE B 166 16.47 -21.06 -1.79
N ILE B 167 15.15 -20.90 -1.85
CA ILE B 167 14.59 -19.67 -2.35
C ILE B 167 14.20 -18.81 -1.17
N HIS B 168 14.65 -17.57 -1.19
CA HIS B 168 14.49 -16.69 -0.04
C HIS B 168 13.08 -16.08 -0.03
N ARG B 169 12.60 -15.79 -1.22
CA ARG B 169 11.24 -15.37 -1.47
C ARG B 169 10.86 -13.99 -0.95
N ASP B 170 11.75 -13.36 -0.22
CA ASP B 170 11.46 -12.02 0.25
C ASP B 170 12.75 -11.22 0.41
N MSE B 171 13.48 -11.09 -0.68
CA MSE B 171 14.67 -10.25 -0.69
C MSE B 171 14.29 -8.75 -0.80
O MSE B 171 13.36 -8.36 -1.55
CB MSE B 171 15.60 -10.69 -1.83
CG MSE B 171 16.87 -9.84 -2.07
SE MSE B 171 18.10 -9.72 -0.51
CE MSE B 171 19.49 -8.56 -1.28
N LYS B 172 14.97 -7.92 -0.02
CA LYS B 172 14.77 -6.47 0.02
C LYS B 172 15.77 -5.78 0.96
N SER B 173 15.99 -4.50 0.71
CA SER B 173 17.01 -3.74 1.43
C SER B 173 16.73 -3.69 2.94
N SER B 174 15.51 -4.00 3.36
CA SER B 174 15.25 -4.08 4.80
C SER B 174 15.70 -5.44 5.33
N ASN B 175 15.84 -6.42 4.44
CA ASN B 175 16.30 -7.74 4.85
C ASN B 175 17.82 -7.98 4.71
N VAL B 176 18.50 -6.97 4.17
CA VAL B 176 19.95 -6.90 4.09
C VAL B 176 20.49 -6.19 5.32
N LEU B 177 20.94 -6.98 6.30
CA LEU B 177 21.60 -6.38 7.47
C LEU B 177 23.05 -5.88 7.17
N LEU B 178 23.41 -4.72 7.72
CA LEU B 178 24.80 -4.24 7.69
C LEU B 178 25.48 -4.43 9.04
N ASP B 179 26.72 -4.93 9.05
CA ASP B 179 27.47 -4.99 10.31
C ASP B 179 28.46 -3.83 10.52
N GLU B 180 29.29 -3.93 11.57
CA GLU B 180 30.17 -2.82 11.97
C GLU B 180 31.10 -2.34 10.85
N ASN B 181 31.32 -3.22 9.86
CA ASN B 181 32.18 -2.91 8.70
C ASN B 181 31.42 -2.64 7.41
N LEU B 182 30.09 -2.49 7.53
CA LEU B 182 29.24 -2.14 6.42
C LEU B 182 29.29 -3.27 5.41
N GLU B 183 29.30 -4.48 5.94
CA GLU B 183 29.32 -5.71 5.17
C GLU B 183 27.93 -6.34 5.21
N ALA B 184 27.30 -6.52 4.04
CA ALA B 184 25.89 -6.94 3.94
C ALA B 184 25.67 -8.28 4.53
N ARG B 185 24.54 -8.49 5.19
CA ARG B 185 24.18 -9.87 5.56
C ARG B 185 22.72 -10.22 5.33
N VAL B 186 22.46 -11.06 4.35
CA VAL B 186 21.12 -11.49 4.04
C VAL B 186 20.37 -12.21 5.19
N SER B 187 19.22 -11.66 5.57
CA SER B 187 18.51 -12.06 6.76
C SER B 187 17.07 -12.42 6.48
N ASP B 188 16.36 -12.77 7.56
CA ASP B 188 14.92 -12.99 7.56
C ASP B 188 14.52 -14.08 6.57
N PHE B 189 14.42 -15.29 7.11
CA PHE B 189 14.15 -16.44 6.24
C PHE B 189 12.79 -17.00 6.53
N GLY B 190 11.89 -16.21 7.10
CA GLY B 190 10.54 -16.63 7.41
C GLY B 190 9.74 -17.12 6.21
N MSE B 191 10.18 -16.75 5.00
CA MSE B 191 9.40 -17.13 3.83
C MSE B 191 10.13 -18.04 2.93
O MSE B 191 9.58 -18.46 1.92
CB MSE B 191 8.99 -15.91 3.02
CG MSE B 191 8.19 -14.91 3.79
SE MSE B 191 6.30 -15.27 3.95
CE MSE B 191 6.10 -17.10 4.62
N ALA B 192 11.39 -18.32 3.29
CA ALA B 192 12.27 -19.19 2.51
C ALA B 192 11.68 -20.59 2.23
N ARG B 193 12.16 -21.21 1.15
CA ARG B 193 11.71 -22.52 0.73
C ARG B 193 12.82 -23.36 0.09
N LEU B 194 12.85 -24.63 0.46
CA LEU B 194 13.67 -25.66 -0.20
C LEU B 194 13.16 -26.05 -1.56
N MSE B 195 13.99 -25.91 -2.61
CA MSE B 195 13.69 -26.37 -3.96
C MSE B 195 14.61 -27.47 -4.39
O MSE B 195 15.79 -27.39 -4.18
CB MSE B 195 13.86 -25.23 -4.94
CG MSE B 195 12.78 -25.09 -5.88
SE MSE B 195 13.39 -24.86 -7.65
CE MSE B 195 14.41 -23.26 -7.68
N SER B 196 14.13 -28.51 -5.05
CA SER B 196 15.03 -29.58 -5.44
C SER B 196 15.99 -29.18 -6.57
N ALA B 197 17.27 -29.52 -6.45
CA ALA B 197 18.22 -29.24 -7.52
C ALA B 197 17.72 -29.78 -8.87
N MSE B 198 16.96 -30.85 -8.87
CA MSE B 198 16.39 -31.30 -10.11
C MSE B 198 15.47 -30.31 -10.86
O MSE B 198 15.23 -30.50 -12.08
CB MSE B 198 15.56 -32.57 -9.89
CG MSE B 198 15.88 -33.35 -8.64
SE MSE B 198 16.53 -35.13 -9.12
CE MSE B 198 17.90 -34.22 -10.25
N ASP B 199 14.96 -29.30 -10.15
CA ASP B 199 13.82 -28.53 -10.62
C ASP B 199 14.17 -27.09 -10.97
N TPO B 200 13.28 -26.44 -11.70
CA TPO B 200 13.48 -25.08 -12.13
CB TPO B 200 13.26 -24.97 -13.66
CG2 TPO B 200 14.56 -25.33 -14.34
OG1 TPO B 200 12.22 -25.88 -14.10
P TPO B 200 11.19 -24.99 -14.97
O1P TPO B 200 11.01 -25.50 -16.34
O2P TPO B 200 9.79 -24.90 -14.23
O3P TPO B 200 11.85 -23.54 -15.06
C TPO B 200 12.51 -24.17 -11.38
O TPO B 200 12.62 -22.92 -11.48
N HIS B 201 11.56 -24.75 -10.65
CA HIS B 201 10.62 -23.90 -9.95
C HIS B 201 10.02 -24.69 -8.79
N LEU B 202 9.65 -24.03 -7.70
CA LEU B 202 8.91 -24.79 -6.71
C LEU B 202 7.44 -24.39 -6.71
N SEP B 203 6.58 -25.41 -6.73
CA SEP B 203 5.17 -25.09 -6.62
CB SEP B 203 4.33 -26.11 -7.36
OG SEP B 203 4.43 -25.81 -8.73
C SEP B 203 4.76 -24.86 -5.16
O SEP B 203 4.99 -25.69 -4.29
P SEP B 203 3.85 -27.04 -9.61
O1P SEP B 203 4.44 -27.03 -11.11
O2P SEP B 203 4.22 -28.45 -8.88
O3P SEP B 203 2.25 -27.02 -9.61
N VAL B 204 4.21 -23.67 -4.93
CA VAL B 204 3.89 -23.17 -3.59
C VAL B 204 2.39 -23.05 -3.35
N SEP B 205 2.02 -23.18 -2.10
CA SEP B 205 0.62 -23.20 -1.72
CB SEP B 205 0.38 -24.25 -0.60
OG SEP B 205 0.68 -23.68 0.66
C SEP B 205 0.19 -21.79 -1.29
O SEP B 205 -1.00 -21.44 -1.36
P SEP B 205 1.93 -24.34 1.43
O1P SEP B 205 3.10 -24.77 0.40
O2P SEP B 205 2.48 -23.27 2.52
O3P SEP B 205 1.36 -25.66 2.15
N THR B 206 1.15 -20.97 -0.85
CA THR B 206 0.78 -19.64 -0.47
C THR B 206 1.80 -18.68 -1.05
N LEU B 207 1.29 -17.51 -1.43
CA LEU B 207 2.13 -16.49 -2.04
C LEU B 207 3.02 -15.72 -1.03
N ALA B 208 3.98 -14.96 -1.53
CA ALA B 208 5.01 -14.36 -0.67
C ALA B 208 5.78 -13.30 -1.41
N GLY B 209 5.99 -12.16 -0.75
CA GLY B 209 6.56 -10.99 -1.40
C GLY B 209 6.27 -9.65 -0.75
N THR B 210 7.04 -8.65 -1.14
CA THR B 210 6.87 -7.33 -0.63
C THR B 210 6.71 -6.36 -1.77
N PRO B 211 5.61 -5.60 -1.77
CA PRO B 211 5.38 -4.60 -2.80
C PRO B 211 6.60 -3.72 -3.08
N GLY B 212 7.06 -3.71 -4.33
CA GLY B 212 8.20 -2.94 -4.76
C GLY B 212 9.21 -3.94 -5.30
N TYR B 213 9.15 -5.15 -4.76
CA TYR B 213 10.20 -6.12 -4.91
C TYR B 213 9.75 -7.42 -5.59
N VAL B 214 8.44 -7.61 -5.69
CA VAL B 214 7.85 -8.81 -6.27
C VAL B 214 8.12 -9.06 -7.77
N PRO B 215 8.69 -10.23 -8.06
CA PRO B 215 8.87 -10.63 -9.46
C PRO B 215 7.55 -10.66 -10.18
N PRO B 216 7.47 -10.03 -11.37
CA PRO B 216 6.16 -9.92 -12.05
C PRO B 216 5.38 -11.24 -12.13
N GLU B 217 6.07 -12.35 -12.29
CA GLU B 217 5.39 -13.62 -12.52
C GLU B 217 4.88 -14.24 -11.24
N TYR B 218 5.33 -13.74 -10.08
CA TYR B 218 4.77 -14.14 -8.80
C TYR B 218 3.33 -13.64 -8.62
N TYR B 219 2.99 -12.52 -9.25
CA TYR B 219 1.59 -12.10 -9.30
C TYR B 219 0.71 -13.13 -10.00
N GLN B 220 1.22 -13.69 -11.09
CA GLN B 220 0.46 -14.56 -12.03
C GLN B 220 0.34 -16.08 -11.69
N SEP B 221 1.32 -16.64 -10.98
CA SEP B 221 1.46 -18.10 -10.85
CB SEP B 221 2.67 -18.59 -11.69
OG SEP B 221 2.43 -18.69 -13.10
C SEP B 221 1.74 -18.39 -9.37
O SEP B 221 2.28 -17.53 -8.67
P SEP B 221 1.89 -20.21 -13.52
O1P SEP B 221 2.53 -20.77 -14.88
O2P SEP B 221 0.29 -20.34 -13.69
O3P SEP B 221 2.21 -21.32 -12.42
N PHE B 222 1.41 -19.59 -8.89
CA PHE B 222 1.78 -20.01 -7.53
C PHE B 222 3.05 -20.84 -7.64
N ARG B 223 4.05 -20.24 -8.26
CA ARG B 223 5.30 -20.92 -8.47
C ARG B 223 6.43 -19.99 -8.16
N CYS B 224 7.42 -20.43 -7.39
CA CYS B 224 8.55 -19.55 -7.14
C CYS B 224 9.89 -20.18 -7.71
N SER B 225 10.99 -19.43 -7.68
CA SER B 225 12.24 -19.80 -8.39
C SER B 225 13.43 -19.00 -7.90
N THR B 226 14.66 -19.49 -8.14
CA THR B 226 15.81 -18.69 -7.66
C THR B 226 15.94 -17.43 -8.48
N LYS B 227 15.39 -17.50 -9.71
CA LYS B 227 15.31 -16.33 -10.60
C LYS B 227 14.46 -15.19 -10.08
N GLY B 228 13.49 -15.49 -9.21
CA GLY B 228 12.66 -14.47 -8.59
C GLY B 228 13.44 -13.71 -7.52
N ASP B 229 14.38 -14.43 -6.87
CA ASP B 229 15.25 -13.85 -5.87
C ASP B 229 16.18 -12.95 -6.63
N VAL B 230 16.45 -13.33 -7.87
CA VAL B 230 17.34 -12.45 -8.64
C VAL B 230 16.64 -11.13 -8.98
N TYR B 231 15.31 -11.18 -9.21
CA TYR B 231 14.52 -10.00 -9.55
C TYR B 231 14.54 -9.02 -8.40
N SER B 232 14.03 -9.45 -7.24
CA SER B 232 14.08 -8.66 -6.02
C SER B 232 15.50 -8.12 -5.68
N TYR B 233 16.56 -8.93 -5.88
CA TYR B 233 17.91 -8.42 -5.67
C TYR B 233 18.16 -7.25 -6.65
N GLY B 234 17.58 -7.35 -7.84
CA GLY B 234 17.85 -6.37 -8.88
C GLY B 234 17.34 -5.00 -8.45
N VAL B 235 16.17 -4.99 -7.83
CA VAL B 235 15.66 -3.78 -7.21
C VAL B 235 16.57 -3.29 -6.10
N VAL B 236 17.06 -4.17 -5.24
CA VAL B 236 17.88 -3.70 -4.14
C VAL B 236 19.04 -2.91 -4.73
N LEU B 237 19.56 -3.40 -5.84
CA LEU B 237 20.65 -2.72 -6.52
C LEU B 237 20.25 -1.35 -7.05
N LEU B 238 19.07 -1.23 -7.64
CA LEU B 238 18.49 0.07 -8.01
C LEU B 238 18.46 1.03 -6.85
N GLU B 239 18.03 0.50 -5.71
CA GLU B 239 17.99 1.25 -4.47
C GLU B 239 19.37 1.89 -4.20
N LEU B 240 20.39 1.06 -4.26
CA LEU B 240 21.74 1.55 -3.99
C LEU B 240 22.17 2.57 -5.03
N LEU B 241 21.74 2.40 -6.28
CA LEU B 241 22.23 3.22 -7.37
C LEU B 241 21.56 4.60 -7.44
N THR B 242 20.33 4.68 -6.92
CA THR B 242 19.47 5.83 -7.02
C THR B 242 19.28 6.49 -5.66
N GLY B 243 19.35 5.67 -4.62
CA GLY B 243 19.13 6.12 -3.26
C GLY B 243 17.65 6.25 -2.96
N LYS B 244 16.82 5.82 -3.91
CA LYS B 244 15.37 5.95 -3.77
C LYS B 244 14.70 4.70 -3.22
N ARG B 245 13.63 4.84 -2.45
CA ARG B 245 12.89 3.66 -1.99
C ARG B 245 12.24 2.96 -3.21
N PRO B 246 11.98 1.64 -3.11
CA PRO B 246 11.44 0.99 -4.32
C PRO B 246 9.97 1.38 -4.60
N THR B 247 9.28 1.96 -3.62
CA THR B 247 7.92 2.48 -3.80
C THR B 247 7.70 3.87 -3.17
N ASP B 248 6.60 4.50 -3.51
CA ASP B 248 6.15 5.72 -2.83
C ASP B 248 7.22 6.82 -2.72
N SER B 249 7.77 7.22 -3.87
CA SER B 249 8.55 8.44 -4.01
C SER B 249 7.88 9.33 -5.07
N PRO B 250 7.70 10.62 -4.77
CA PRO B 250 6.89 11.54 -5.59
C PRO B 250 7.34 11.70 -7.06
N ASP B 251 8.57 11.35 -7.38
CA ASP B 251 9.05 11.38 -8.76
C ASP B 251 8.43 10.26 -9.59
N PHE B 252 8.02 9.20 -8.91
CA PHE B 252 7.55 7.99 -9.59
C PHE B 252 6.19 8.18 -10.25
N GLY B 253 5.32 8.96 -9.63
CA GLY B 253 3.92 9.00 -10.03
C GLY B 253 3.35 7.62 -9.72
N ASP B 254 2.57 7.08 -10.66
CA ASP B 254 1.89 5.79 -10.46
C ASP B 254 2.85 4.59 -10.32
N ASN B 255 3.88 4.60 -11.16
CA ASN B 255 4.91 3.56 -11.24
C ASN B 255 5.97 3.57 -10.12
N ASN B 256 6.67 2.45 -9.96
CA ASN B 256 7.63 2.27 -8.89
C ASN B 256 9.05 2.66 -9.34
N LEU B 257 10.07 2.21 -8.61
CA LEU B 257 11.46 2.54 -8.92
C LEU B 257 11.85 1.92 -10.23
N VAL B 258 11.49 0.66 -10.41
CA VAL B 258 11.80 -0.07 -11.62
C VAL B 258 11.22 0.65 -12.83
N GLY B 259 9.94 1.01 -12.72
CA GLY B 259 9.21 1.71 -13.76
C GLY B 259 9.63 3.15 -13.94
N TRP B 260 10.21 3.74 -12.90
CA TRP B 260 10.71 5.10 -13.04
C TRP B 260 11.93 5.14 -13.92
N VAL B 261 12.74 4.09 -13.84
CA VAL B 261 14.03 4.09 -14.54
C VAL B 261 13.85 3.76 -16.05
N LYS B 262 12.74 3.12 -16.42
CA LYS B 262 12.51 2.91 -17.87
C LYS B 262 11.98 4.16 -18.60
N GLN B 263 11.03 4.88 -18.00
CA GLN B 263 10.58 6.17 -18.56
C GLN B 263 11.77 7.10 -18.60
N HIS B 264 12.78 6.76 -17.81
CA HIS B 264 13.96 7.58 -17.62
C HIS B 264 15.02 7.30 -18.69
N ALA B 265 14.65 6.50 -19.69
CA ALA B 265 15.55 6.18 -20.80
C ALA B 265 15.73 7.37 -21.75
N LYS B 266 14.63 8.05 -22.08
CA LYS B 266 14.66 9.18 -23.00
C LYS B 266 15.63 10.23 -22.49
N LEU B 267 15.36 10.77 -21.30
CA LEU B 267 16.26 11.71 -20.65
C LEU B 267 17.62 11.04 -20.43
N ARG B 268 18.67 11.83 -20.30
CA ARG B 268 19.99 11.26 -20.10
C ARG B 268 20.00 10.29 -18.89
N ILE B 269 20.45 9.06 -19.13
CA ILE B 269 20.39 8.02 -18.11
C ILE B 269 20.97 8.47 -16.76
N SER B 270 22.11 9.15 -16.81
CA SER B 270 22.90 9.50 -15.62
C SER B 270 22.14 10.34 -14.59
N ASP B 271 20.98 10.87 -14.99
CA ASP B 271 20.11 11.62 -14.07
C ASP B 271 19.65 10.72 -12.93
N VAL B 272 19.30 9.47 -13.27
CA VAL B 272 18.72 8.53 -12.29
C VAL B 272 19.58 8.33 -11.04
N PHE B 273 20.89 8.41 -11.22
CA PHE B 273 21.81 8.04 -10.14
C PHE B 273 21.70 8.99 -8.95
N ASP B 274 21.91 8.45 -7.75
CA ASP B 274 21.95 9.25 -6.53
C ASP B 274 22.98 10.36 -6.67
N PRO B 275 22.53 11.62 -6.52
CA PRO B 275 23.47 12.74 -6.50
C PRO B 275 24.50 12.61 -5.38
N GLU B 276 24.10 12.00 -4.26
CA GLU B 276 25.00 11.87 -3.12
C GLU B 276 26.30 11.15 -3.54
N LEU B 277 26.21 10.25 -4.51
CA LEU B 277 27.40 9.62 -5.09
C LEU B 277 28.04 10.52 -6.14
N MSE B 278 27.21 10.95 -7.09
CA MSE B 278 27.69 11.61 -8.30
C MSE B 278 28.42 12.91 -7.98
O MSE B 278 29.44 13.21 -8.60
CB MSE B 278 26.52 11.88 -9.25
CG MSE B 278 26.19 10.71 -10.18
SE MSE B 278 27.34 10.56 -11.76
CE MSE B 278 26.00 10.94 -13.13
N LYS B 279 27.90 13.65 -7.02
CA LYS B 279 28.51 14.90 -6.59
C LYS B 279 29.94 14.67 -6.08
N GLU B 280 30.11 13.69 -5.19
CA GLU B 280 31.43 13.35 -4.67
C GLU B 280 32.45 13.17 -5.80
N ASP B 281 32.10 12.31 -6.76
CA ASP B 281 32.92 12.08 -7.94
C ASP B 281 32.09 12.00 -9.21
N PRO B 282 32.33 12.94 -10.14
CA PRO B 282 31.69 12.80 -11.46
C PRO B 282 32.37 11.72 -12.30
N ALA B 283 33.36 11.05 -11.73
CA ALA B 283 34.20 10.11 -12.48
C ALA B 283 33.68 8.67 -12.45
N LEU B 284 32.71 8.40 -11.57
CA LEU B 284 32.15 7.07 -11.50
C LEU B 284 30.89 6.96 -12.37
N GLU B 285 30.69 7.97 -13.22
CA GLU B 285 29.56 7.99 -14.16
C GLU B 285 29.49 6.75 -15.03
N ILE B 286 30.65 6.26 -15.47
CA ILE B 286 30.66 5.05 -16.28
C ILE B 286 30.43 3.83 -15.42
N GLU B 287 31.08 3.77 -14.26
CA GLU B 287 30.96 2.63 -13.34
C GLU B 287 29.52 2.38 -12.86
N LEU B 288 28.80 3.46 -12.57
CA LEU B 288 27.40 3.40 -12.18
C LEU B 288 26.55 2.90 -13.32
N LEU B 289 26.84 3.39 -14.53
CA LEU B 289 26.19 2.93 -15.76
C LEU B 289 26.32 1.43 -15.99
N GLN B 290 27.51 0.91 -15.70
CA GLN B 290 27.80 -0.51 -15.80
C GLN B 290 27.07 -1.37 -14.74
N HIS B 291 27.06 -0.90 -13.48
CA HIS B 291 26.27 -1.56 -12.45
C HIS B 291 24.77 -1.47 -12.77
N LEU B 292 24.34 -0.32 -13.27
CA LEU B 292 22.95 -0.15 -13.61
C LEU B 292 22.53 -1.19 -14.62
N LYS B 293 23.45 -1.61 -15.48
CA LYS B 293 23.07 -2.53 -16.54
C LYS B 293 22.93 -3.93 -15.95
N VAL B 294 23.69 -4.17 -14.88
CA VAL B 294 23.54 -5.41 -14.14
C VAL B 294 22.17 -5.47 -13.49
N ALA B 295 21.77 -4.41 -12.79
CA ALA B 295 20.43 -4.31 -12.21
C ALA B 295 19.36 -4.52 -13.27
N VAL B 296 19.48 -3.85 -14.41
CA VAL B 296 18.51 -3.97 -15.49
C VAL B 296 18.40 -5.42 -15.96
N ALA B 297 19.56 -6.06 -16.08
CA ALA B 297 19.72 -7.49 -16.39
C ALA B 297 18.91 -8.33 -15.41
N CYS B 298 18.87 -7.91 -14.15
CA CYS B 298 18.23 -8.71 -13.13
C CYS B 298 16.72 -8.61 -13.21
N LEU B 299 16.26 -7.57 -13.88
CA LEU B 299 14.87 -7.15 -13.71
C LEU B 299 14.09 -7.46 -14.98
N ASP B 300 14.66 -8.33 -15.81
CA ASP B 300 13.98 -8.75 -17.03
C ASP B 300 12.65 -9.37 -16.67
N ASP B 301 11.69 -9.18 -17.55
CA ASP B 301 10.35 -9.68 -17.37
C ASP B 301 10.34 -11.15 -17.68
N ARG B 302 11.26 -11.55 -18.54
CA ARG B 302 11.48 -12.93 -18.88
C ARG B 302 12.42 -13.53 -17.84
N ALA B 303 11.90 -14.37 -16.94
CA ALA B 303 12.73 -14.85 -15.85
C ALA B 303 13.97 -15.56 -16.38
N TRP B 304 13.78 -16.46 -17.34
CA TRP B 304 14.89 -17.29 -17.80
C TRP B 304 16.04 -16.50 -18.44
N ARG B 305 15.92 -15.18 -18.57
CA ARG B 305 17.01 -14.41 -19.18
C ARG B 305 17.75 -13.58 -18.15
N ARG B 306 17.17 -13.43 -16.96
CA ARG B 306 17.85 -12.90 -15.80
C ARG B 306 19.10 -13.70 -15.54
N PRO B 307 20.20 -13.04 -15.11
CA PRO B 307 21.40 -13.77 -14.69
C PRO B 307 21.24 -14.59 -13.37
N THR B 308 22.03 -15.63 -13.24
CA THR B 308 22.17 -16.27 -11.99
C THR B 308 22.96 -15.32 -11.11
N MSE B 309 22.86 -15.51 -9.81
CA MSE B 309 23.66 -14.74 -8.84
C MSE B 309 25.14 -14.91 -9.07
O MSE B 309 25.92 -14.02 -8.76
CB MSE B 309 23.28 -15.10 -7.38
CG MSE B 309 21.90 -14.60 -6.95
SE MSE B 309 21.43 -12.78 -7.50
CE MSE B 309 22.45 -11.93 -6.19
N VAL B 310 25.53 -16.05 -9.65
CA VAL B 310 26.93 -16.35 -9.89
C VAL B 310 27.42 -15.46 -11.00
N GLN B 311 26.67 -15.41 -12.08
CA GLN B 311 26.84 -14.44 -13.12
C GLN B 311 26.85 -13.00 -12.65
N VAL B 312 25.93 -12.64 -11.78
CA VAL B 312 25.92 -11.31 -11.25
C VAL B 312 27.26 -10.95 -10.59
N MSE B 313 27.80 -11.82 -9.75
CA MSE B 313 29.13 -11.60 -9.13
C MSE B 313 30.25 -11.48 -10.17
O MSE B 313 31.22 -10.78 -9.94
CB MSE B 313 29.49 -12.74 -8.16
CG MSE B 313 28.63 -13.01 -6.97
SE MSE B 313 29.15 -14.68 -6.13
CE MSE B 313 30.70 -13.95 -5.22
N ALA B 314 30.10 -12.21 -11.27
CA ALA B 314 31.04 -12.25 -12.37
C ALA B 314 31.02 -10.93 -13.14
N MSE B 315 29.80 -10.48 -13.50
CA MSE B 315 29.58 -9.16 -14.05
C MSE B 315 30.22 -8.06 -13.18
O MSE B 315 30.95 -7.20 -13.70
CB MSE B 315 28.10 -8.88 -14.20
CG MSE B 315 27.35 -9.66 -15.28
SE MSE B 315 25.47 -9.49 -15.00
CE MSE B 315 24.87 -10.70 -16.34
N PHE B 316 29.97 -8.09 -11.88
CA PHE B 316 30.61 -7.16 -10.96
C PHE B 316 32.14 -7.13 -11.01
N LYS B 317 32.75 -8.29 -10.81
CA LYS B 317 34.19 -8.47 -10.83
C LYS B 317 34.77 -7.98 -12.16
N GLU B 318 33.99 -8.16 -13.23
CA GLU B 318 34.41 -7.77 -14.58
C GLU B 318 34.35 -6.28 -14.69
N ILE B 319 33.42 -5.66 -13.98
CA ILE B 319 33.32 -4.20 -13.99
C ILE B 319 34.55 -3.59 -13.34
N GLN B 320 34.87 -4.07 -12.14
CA GLN B 320 36.03 -3.63 -11.38
C GLN B 320 37.36 -3.81 -12.15
N ALA B 321 37.70 -5.06 -12.42
CA ALA B 321 38.89 -5.39 -13.18
C ALA B 321 38.66 -5.16 -14.68
N THR C 2 10.26 -1.73 -22.69
CA THR C 2 11.16 -0.57 -22.63
C THR C 2 12.45 -0.85 -21.83
N MET C 3 12.50 -1.96 -21.11
CA MET C 3 13.73 -2.47 -20.51
C MET C 3 14.82 -2.65 -21.58
N GLU C 4 14.38 -3.02 -22.78
CA GLU C 4 15.26 -3.27 -23.92
C GLU C 4 15.88 -1.99 -24.52
N GLU C 5 15.04 -0.98 -24.75
CA GLU C 5 15.52 0.32 -25.18
C GLU C 5 16.46 0.88 -24.11
N LEU C 6 16.12 0.60 -22.85
CA LEU C 6 16.91 1.05 -21.71
C LEU C 6 18.31 0.44 -21.73
N GLN C 7 18.39 -0.86 -21.99
CA GLN C 7 19.69 -1.55 -21.98
C GLN C 7 20.59 -0.98 -23.09
N ALA C 8 20.00 -0.72 -24.26
CA ALA C 8 20.72 -0.15 -25.40
C ALA C 8 21.17 1.29 -25.07
N ALA C 9 20.31 2.00 -24.34
CA ALA C 9 20.58 3.37 -23.92
C ALA C 9 21.78 3.48 -22.98
N ILE C 10 21.95 2.52 -22.07
CA ILE C 10 23.07 2.55 -21.14
C ILE C 10 24.39 2.19 -21.82
N GLN C 11 24.34 1.19 -22.70
CA GLN C 11 25.45 0.87 -23.61
C GLN C 11 25.93 2.12 -24.34
N ALA C 12 24.95 2.82 -24.92
CA ALA C 12 25.17 4.08 -25.61
C ALA C 12 25.65 5.20 -24.68
N ALA C 13 25.10 5.25 -23.47
CA ALA C 13 25.51 6.27 -22.50
C ALA C 13 26.95 6.05 -22.03
N ILE C 14 27.32 4.78 -21.85
CA ILE C 14 28.71 4.40 -21.62
C ILE C 14 29.58 4.90 -22.78
N ALA C 15 29.03 4.80 -23.99
CA ALA C 15 29.72 5.20 -25.23
C ALA C 15 29.91 6.72 -25.36
N HIS C 16 28.89 7.49 -25.01
CA HIS C 16 28.97 8.96 -25.03
C HIS C 16 30.15 9.44 -24.18
N CYS C 17 30.44 8.73 -23.09
CA CYS C 17 31.64 9.03 -22.33
C CYS C 17 32.71 7.97 -22.59
N MET D 3 -37.52 14.86 -13.83
CA MET D 3 -37.14 13.55 -14.37
C MET D 3 -36.68 13.67 -15.82
N GLU D 4 -37.45 13.12 -16.75
CA GLU D 4 -37.20 13.33 -18.18
C GLU D 4 -37.09 14.82 -18.47
N GLU D 5 -38.07 15.55 -17.95
CA GLU D 5 -38.10 17.00 -18.04
C GLU D 5 -36.77 17.60 -17.59
N LEU D 6 -36.36 17.27 -16.37
CA LEU D 6 -35.15 17.87 -15.80
C LEU D 6 -33.92 17.60 -16.65
N GLN D 7 -33.69 16.34 -17.03
CA GLN D 7 -32.51 15.99 -17.83
C GLN D 7 -32.57 16.63 -19.22
N ALA D 8 -33.77 16.70 -19.80
CA ALA D 8 -33.97 17.39 -21.08
C ALA D 8 -33.70 18.89 -20.93
N ALA D 9 -34.19 19.47 -19.85
CA ALA D 9 -33.93 20.87 -19.53
C ALA D 9 -32.43 21.19 -19.48
N ILE D 10 -31.67 20.29 -18.87
CA ILE D 10 -30.22 20.45 -18.74
C ILE D 10 -29.54 20.41 -20.11
N GLN D 11 -29.99 19.52 -20.97
CA GLN D 11 -29.39 19.38 -22.29
C GLN D 11 -29.69 20.60 -23.17
N ALA D 12 -30.92 21.10 -23.07
CA ALA D 12 -31.32 22.36 -23.68
C ALA D 12 -30.31 23.45 -23.35
N ALA D 13 -30.11 23.65 -22.05
CA ALA D 13 -29.10 24.56 -21.56
C ALA D 13 -27.72 24.33 -22.20
N ILE D 14 -27.21 23.11 -22.13
CA ILE D 14 -25.87 22.79 -22.65
C ILE D 14 -25.73 23.14 -24.13
N ALA D 15 -26.76 22.75 -24.91
CA ALA D 15 -26.80 23.02 -26.35
C ALA D 15 -26.64 24.51 -26.62
N HIS D 16 -27.49 25.30 -25.96
CA HIS D 16 -27.46 26.76 -26.04
C HIS D 16 -26.05 27.35 -25.90
N CYS D 17 -25.41 27.11 -24.75
CA CYS D 17 -24.12 27.72 -24.39
C CYS D 17 -23.07 27.66 -25.51
PG ANP E . -20.88 11.19 12.02
O1G ANP E . -22.24 10.43 11.82
O2G ANP E . -20.79 11.64 13.53
O3G ANP E . -20.81 12.40 11.13
PB ANP E . -18.80 10.51 10.24
O1B ANP E . -19.80 10.43 9.15
O2B ANP E . -18.31 11.99 10.26
N3B ANP E . -19.58 10.15 11.68
PA ANP E . -16.61 8.89 11.08
O1A ANP E . -15.77 7.74 10.51
O2A ANP E . -17.46 8.42 12.25
O3A ANP E . -17.61 9.50 9.97
O5' ANP E . -15.66 10.19 11.40
C5' ANP E . -15.59 11.22 10.33
C4' ANP E . -14.62 12.33 10.61
O4' ANP E . -13.44 11.77 11.23
C3' ANP E . -14.19 13.11 9.37
O3' ANP E . -14.67 14.45 9.38
C2' ANP E . -12.65 13.17 9.44
O2' ANP E . -12.22 14.47 9.83
C1' ANP E . -12.27 12.19 10.54
N9 ANP E . -11.53 11.00 10.10
C8 ANP E . -11.95 9.71 10.24
N7 ANP E . -11.09 8.82 9.81
C5 ANP E . -10.02 9.58 9.35
C6 ANP E . -8.77 9.23 8.78
N6 ANP E . -8.40 7.97 8.53
N1 ANP E . -7.93 10.25 8.44
C2 ANP E . -8.31 11.51 8.68
N3 ANP E . -9.46 11.95 9.21
C4 ANP E . -10.27 10.93 9.53
PG ANP F . 8.08 -6.59 6.64
O1G ANP F . 8.52 -7.80 5.73
O2G ANP F . 6.52 -6.67 6.87
O3G ANP F . 8.38 -5.29 5.97
PB ANP F . 10.60 -6.74 8.05
O1B ANP F . 10.94 -8.05 7.43
O2B ANP F . 11.23 -5.56 7.26
N3B ANP F . 8.91 -6.62 8.13
PA ANP F . 12.12 -7.69 10.23
O1A ANP F . 13.02 -8.33 9.19
O2A ANP F . 11.43 -8.65 11.13
O3A ANP F . 11.04 -6.76 9.55
O5' ANP F . 12.92 -6.52 10.97
C5' ANP F . 13.12 -5.24 10.27
C4' ANP F . 14.15 -4.37 10.95
O4' ANP F . 14.60 -4.99 12.18
C3' ANP F . 15.44 -4.11 10.18
O3' ANP F . 15.28 -3.01 9.27
C2' ANP F . 16.45 -3.79 11.29
O2' ANP F . 16.49 -2.41 11.65
C1' ANP F . 15.93 -4.60 12.46
N9 ANP F . 16.67 -5.82 12.75
C8 ANP F . 16.18 -7.10 12.78
N7 ANP F . 17.07 -8.00 13.11
C5 ANP F . 18.23 -7.27 13.29
C6 ANP F . 19.55 -7.65 13.65
N6 ANP F . 19.93 -8.90 13.88
N1 ANP F . 20.47 -6.65 13.77
C2 ANP F . 20.10 -5.39 13.54
N3 ANP F . 18.90 -4.92 13.19
C4 ANP F . 18.00 -5.92 13.09
#